data_2IG7
#
_entry.id   2IG7
#
_cell.length_a   52.657
_cell.length_b   109.208
_cell.length_c   157.952
_cell.angle_alpha   90.00
_cell.angle_beta   90.00
_cell.angle_gamma   90.00
#
_symmetry.space_group_name_H-M   'P 21 21 21'
#
loop_
_entity.id
_entity.type
_entity.pdbx_description
1 polymer 'Choline/ethanolamine kinase'
2 non-polymer 'UNKNOWN ATOM OR ION'
3 water water
#
_entity_poly.entity_id   1
_entity_poly.type   'polypeptide(L)'
_entity_poly.pdbx_seq_one_letter_code
;(MSE)GSSHHHHHHSSGLVPRGSVGGCLAKDGLQQSKCPDTTPKRRRASSLSRDAERRAYQWCREYLGGAWRRVQPEELR
VYPVSGGLSNLLFRCSLPDHLPSVGEEPREVLLRLYGAILQGVDSLVLESV(MSE)FAILAERSLGPQLYGVFPEGRLEQ
YIPSRPLKTQELREPVLSAAIATK(MSE)AQFHG(MSE)E(MSE)PFTKEPHWLFGT(MSE)ERYLKQIQDLPPTGLPE
(MSE)NLLE(MSE)YSLKDE(MSE)GNLRKLLESTPSPVVFCHNDIQEGNILLLSEPENADSL(MSE)LVDFEYSSYNYR
GFDIGNHFCEWVYDYTHEEWPFYKARPTDYPTQEQQLHFIRHYLAEAKKGETLSQEEQRKLEEDLLVEVSRYALASHFFW
GLWSILQAS(MSE)STIEFGYLDYAQSRFQFYFQQKGQLTSVHSSS
;
_entity_poly.pdbx_strand_id   A,B
#
# COMPACT_ATOMS: atom_id res chain seq x y z
N ARG A 49 -28.07 -10.79 0.07
CA ARG A 49 -27.66 -11.67 1.23
C ARG A 49 -26.20 -12.14 1.14
N ASP A 50 -25.58 -12.03 -0.03
CA ASP A 50 -24.18 -12.46 -0.23
C ASP A 50 -23.18 -11.30 -0.15
N ALA A 51 -23.67 -10.07 -0.31
CA ALA A 51 -22.94 -8.88 0.15
C ALA A 51 -23.01 -8.81 1.68
N GLU A 52 -24.13 -9.27 2.22
CA GLU A 52 -24.33 -9.39 3.67
C GLU A 52 -23.32 -10.37 4.31
N ARG A 53 -23.17 -11.55 3.69
CA ARG A 53 -22.27 -12.60 4.19
C ARG A 53 -20.83 -12.21 4.01
N ARG A 54 -20.52 -11.58 2.87
CA ARG A 54 -19.16 -11.15 2.57
C ARG A 54 -18.71 -10.15 3.59
N ALA A 55 -19.61 -9.22 3.94
CA ALA A 55 -19.34 -8.21 4.96
C ALA A 55 -19.00 -8.85 6.29
N TYR A 56 -19.87 -9.77 6.74
CA TYR A 56 -19.60 -10.59 7.93
C TYR A 56 -18.19 -11.27 7.96
N GLN A 57 -17.86 -12.00 6.89
CA GLN A 57 -16.58 -12.68 6.73
C GLN A 57 -15.37 -11.73 6.78
N TRP A 58 -15.45 -10.61 6.08
CA TRP A 58 -14.39 -9.57 6.15
C TRP A 58 -14.20 -9.07 7.56
N CYS A 59 -15.29 -8.69 8.24
CA CYS A 59 -15.16 -8.20 9.62
C CYS A 59 -14.55 -9.24 10.56
N ARG A 60 -15.02 -10.47 10.44
CA ARG A 60 -14.60 -11.56 11.32
C ARG A 60 -13.10 -11.85 11.11
N GLU A 61 -12.68 -11.78 9.85
CA GLU A 61 -11.28 -12.08 9.38
C GLU A 61 -10.22 -11.08 9.89
N TYR A 62 -10.57 -9.79 9.86
CA TYR A 62 -9.64 -8.69 10.13
C TYR A 62 -9.74 -8.09 11.52
N LEU A 63 -10.93 -8.14 12.15
CA LEU A 63 -11.15 -7.48 13.43
C LEU A 63 -11.12 -8.52 14.62
N GLY A 64 -10.74 -8.02 15.79
CA GLY A 64 -10.44 -8.89 16.93
C GLY A 64 -11.52 -8.80 17.99
N GLY A 65 -11.24 -9.33 19.18
CA GLY A 65 -12.18 -9.33 20.32
C GLY A 65 -13.53 -9.88 19.93
N ALA A 66 -14.58 -9.15 20.27
CA ALA A 66 -15.98 -9.56 20.05
C ALA A 66 -16.34 -9.89 18.60
N TRP A 67 -15.61 -9.35 17.62
CA TRP A 67 -15.95 -9.62 16.22
C TRP A 67 -15.79 -11.09 15.83
N ARG A 68 -14.95 -11.80 16.55
CA ARG A 68 -14.77 -13.26 16.39
C ARG A 68 -15.92 -14.07 17.02
N ARG A 69 -16.76 -13.40 17.79
CA ARG A 69 -17.92 -14.02 18.47
C ARG A 69 -19.21 -13.83 17.75
N VAL A 70 -19.37 -12.65 17.16
CA VAL A 70 -20.62 -12.25 16.59
C VAL A 70 -21.09 -13.25 15.53
N GLN A 71 -22.39 -13.53 15.51
CA GLN A 71 -23.01 -14.47 14.55
C GLN A 71 -23.58 -13.72 13.38
N PRO A 72 -23.67 -14.37 12.21
CA PRO A 72 -24.18 -13.71 11.01
C PRO A 72 -25.47 -12.92 11.22
N GLU A 73 -26.36 -13.44 12.08
CA GLU A 73 -27.68 -12.83 12.33
C GLU A 73 -27.58 -11.66 13.31
N GLU A 74 -26.61 -11.75 14.23
CA GLU A 74 -26.31 -10.67 15.16
C GLU A 74 -25.78 -9.42 14.41
N LEU A 75 -24.86 -9.62 13.48
CA LEU A 75 -24.17 -8.48 12.83
C LEU A 75 -25.08 -7.57 12.01
N ARG A 76 -25.04 -6.29 12.36
CA ARG A 76 -25.78 -5.26 11.63
C ARG A 76 -24.91 -4.75 10.49
N VAL A 77 -25.34 -4.98 9.24
CA VAL A 77 -24.65 -4.46 8.04
C VAL A 77 -25.61 -3.59 7.20
N TYR A 78 -25.47 -2.27 7.34
CA TYR A 78 -26.34 -1.28 6.67
C TYR A 78 -25.59 -0.63 5.48
N PRO A 79 -26.14 -0.70 4.25
CA PRO A 79 -25.63 0.14 3.15
C PRO A 79 -25.73 1.63 3.48
N VAL A 80 -24.68 2.38 3.21
CA VAL A 80 -24.71 3.80 3.44
C VAL A 80 -24.32 4.48 2.12
N SER A 81 -24.55 5.78 2.03
CA SER A 81 -24.18 6.47 0.82
C SER A 81 -22.67 6.49 0.72
N GLY A 82 -22.15 5.86 -0.31
CA GLY A 82 -20.71 5.76 -0.53
C GLY A 82 -20.21 6.60 -1.72
N GLY A 83 -21.11 7.32 -2.39
CA GLY A 83 -20.73 8.07 -3.59
C GLY A 83 -21.00 7.29 -4.86
N LEU A 84 -20.32 7.70 -5.93
CA LEU A 84 -20.56 7.22 -7.26
C LEU A 84 -19.47 6.34 -7.85
N SER A 85 -18.46 5.98 -7.04
CA SER A 85 -17.49 4.99 -7.44
C SER A 85 -17.57 3.68 -6.64
N ASN A 86 -17.68 3.79 -5.32
CA ASN A 86 -17.52 2.63 -4.43
C ASN A 86 -18.77 2.37 -3.60
N LEU A 87 -18.93 1.13 -3.16
CA LEU A 87 -19.95 0.74 -2.19
C LEU A 87 -19.44 0.90 -0.77
N LEU A 88 -20.34 1.28 0.12
CA LEU A 88 -20.03 1.53 1.50
C LEU A 88 -21.09 0.88 2.38
N PHE A 89 -20.62 0.13 3.38
CA PHE A 89 -21.49 -0.48 4.39
C PHE A 89 -21.01 -0.11 5.77
N ARG A 90 -21.95 0.20 6.63
CA ARG A 90 -21.67 0.37 8.02
C ARG A 90 -21.97 -0.95 8.74
N CYS A 91 -20.94 -1.48 9.40
CA CYS A 91 -20.97 -2.78 10.06
C CYS A 91 -20.83 -2.54 11.54
N SER A 92 -21.79 -3.01 12.32
CA SER A 92 -21.74 -2.76 13.73
C SER A 92 -22.16 -3.99 14.56
N LEU A 93 -21.50 -4.10 15.71
CA LEU A 93 -21.74 -5.22 16.65
C LEU A 93 -23.11 -4.99 17.24
N PRO A 94 -23.82 -6.10 17.60
CA PRO A 94 -25.01 -5.92 18.44
C PRO A 94 -24.72 -5.06 19.62
N ASP A 95 -25.59 -4.12 19.76
CA ASP A 95 -25.80 -3.40 21.00
C ASP A 95 -25.42 -4.14 22.32
N HIS A 96 -25.82 -5.41 22.44
CA HIS A 96 -25.69 -6.21 23.68
C HIS A 96 -24.36 -6.90 23.86
N LEU A 97 -23.67 -7.10 22.74
CA LEU A 97 -22.49 -7.93 22.74
C LEU A 97 -21.30 -7.19 23.34
N PRO A 98 -20.80 -7.65 24.49
CA PRO A 98 -19.72 -6.89 25.14
C PRO A 98 -18.35 -6.96 24.41
N SER A 99 -17.62 -5.85 24.44
CA SER A 99 -16.24 -5.85 23.96
C SER A 99 -15.32 -6.68 24.85
N VAL A 100 -14.24 -7.17 24.24
CA VAL A 100 -13.16 -7.82 24.95
C VAL A 100 -12.15 -6.79 25.40
N GLY A 101 -11.87 -5.83 24.52
CA GLY A 101 -10.91 -4.78 24.83
C GLY A 101 -11.26 -3.52 24.07
N GLU A 102 -10.33 -3.05 23.27
CA GLU A 102 -10.50 -1.80 22.53
C GLU A 102 -10.81 -2.01 21.03
N GLU A 103 -11.33 -3.17 20.65
CA GLU A 103 -11.81 -3.34 19.28
C GLU A 103 -12.89 -2.27 18.95
N PRO A 104 -12.96 -1.80 17.69
CA PRO A 104 -14.01 -0.86 17.34
C PRO A 104 -15.37 -1.50 17.44
N ARG A 105 -16.41 -0.74 17.79
CA ARG A 105 -17.82 -1.27 17.85
C ARG A 105 -18.51 -1.21 16.52
N GLU A 106 -18.01 -0.29 15.68
CA GLU A 106 -18.56 -0.06 14.36
CA GLU A 106 -18.55 -0.06 14.37
C GLU A 106 -17.37 0.18 13.43
N VAL A 107 -17.49 -0.29 12.23
CA VAL A 107 -16.49 0.03 11.16
C VAL A 107 -17.22 0.32 9.83
N LEU A 108 -16.48 0.85 8.84
CA LEU A 108 -17.00 1.00 7.51
C LEU A 108 -16.30 0.01 6.64
N LEU A 109 -17.06 -0.70 5.85
CA LEU A 109 -16.52 -1.55 4.78
C LEU A 109 -16.69 -0.86 3.42
N ARG A 110 -15.57 -0.53 2.77
CA ARG A 110 -15.62 0.14 1.47
C ARG A 110 -15.13 -0.78 0.37
N LEU A 111 -15.95 -0.98 -0.66
CA LEU A 111 -15.62 -1.85 -1.81
C LEU A 111 -15.45 -1.07 -3.08
N TYR A 112 -14.27 -1.23 -3.69
CA TYR A 112 -13.98 -0.49 -4.90
C TYR A 112 -14.85 -0.90 -6.08
N GLY A 113 -15.36 0.11 -6.78
CA GLY A 113 -16.00 -0.13 -8.07
C GLY A 113 -14.96 -0.51 -9.09
N ALA A 114 -15.41 -1.09 -10.21
CA ALA A 114 -14.54 -1.58 -11.27
C ALA A 114 -13.56 -0.54 -11.80
N ILE A 115 -14.00 0.72 -11.84
CA ILE A 115 -13.16 1.79 -12.35
C ILE A 115 -11.91 2.06 -11.45
N LEU A 116 -11.92 1.54 -10.22
CA LEU A 116 -10.84 1.75 -9.26
C LEU A 116 -10.20 0.41 -8.90
N GLN A 117 -10.45 -0.63 -9.71
CA GLN A 117 -9.88 -1.96 -9.46
C GLN A 117 -8.61 -2.25 -10.28
N GLY A 118 -8.18 -1.35 -11.15
CA GLY A 118 -6.88 -1.49 -11.83
C GLY A 118 -5.70 -1.57 -10.86
N VAL A 119 -4.69 -2.37 -11.18
CA VAL A 119 -3.55 -2.54 -10.26
C VAL A 119 -2.87 -1.23 -9.84
N ASP A 120 -2.76 -0.27 -10.76
CA ASP A 120 -2.13 1.01 -10.42
C ASP A 120 -2.94 1.78 -9.40
N SER A 121 -4.25 1.80 -9.62
CA SER A 121 -5.20 2.44 -8.67
C SER A 121 -5.17 1.76 -7.32
N LEU A 122 -5.14 0.42 -7.33
CA LEU A 122 -5.16 -0.34 -6.09
CA LEU A 122 -5.14 -0.36 -6.09
C LEU A 122 -3.95 0.01 -5.22
N VAL A 123 -2.77 0.08 -5.83
CA VAL A 123 -1.59 0.40 -5.06
C VAL A 123 -1.67 1.78 -4.48
N LEU A 124 -2.08 2.77 -5.28
CA LEU A 124 -2.12 4.13 -4.87
C LEU A 124 -3.17 4.34 -3.77
N GLU A 125 -4.38 3.86 -3.99
CA GLU A 125 -5.45 4.11 -3.04
C GLU A 125 -5.22 3.39 -1.70
N SER A 126 -4.60 2.22 -1.74
CA SER A 126 -4.26 1.45 -0.54
C SER A 126 -3.16 2.13 0.28
N VAL A 127 -2.07 2.53 -0.37
CA VAL A 127 -0.96 3.22 0.30
C VAL A 127 -1.38 4.60 0.78
N PHE A 129 -4.35 5.68 1.69
CA PHE A 129 -5.21 5.47 2.91
C PHE A 129 -4.34 5.18 4.15
N ALA A 130 -3.40 4.28 4.00
CA ALA A 130 -2.52 3.88 5.10
C ALA A 130 -1.66 5.02 5.59
N ILE A 131 -1.03 5.75 4.67
CA ILE A 131 -0.25 6.92 5.03
C ILE A 131 -1.02 8.01 5.80
N LEU A 132 -2.16 8.39 5.28
CA LEU A 132 -3.00 9.39 5.94
C LEU A 132 -3.49 8.90 7.31
N ALA A 133 -3.74 7.60 7.44
CA ALA A 133 -4.14 7.00 8.73
C ALA A 133 -2.98 7.18 9.72
N GLU A 134 -1.73 6.86 9.30
CA GLU A 134 -0.60 6.96 10.16
C GLU A 134 -0.33 8.39 10.61
N ARG A 135 -0.64 9.35 9.75
CA ARG A 135 -0.42 10.77 10.01
C ARG A 135 -1.61 11.46 10.71
N SER A 136 -2.65 10.69 11.05
CA SER A 136 -3.86 11.24 11.67
C SER A 136 -4.50 12.32 10.77
N LEU A 137 -4.42 12.10 9.45
CA LEU A 137 -5.06 12.94 8.42
C LEU A 137 -6.25 12.23 7.75
N GLY A 138 -6.54 11.03 8.25
CA GLY A 138 -7.60 10.21 7.76
C GLY A 138 -7.99 9.18 8.82
N PRO A 139 -9.05 8.41 8.55
CA PRO A 139 -9.60 7.38 9.44
C PRO A 139 -8.57 6.26 9.55
N GLN A 140 -8.53 5.58 10.69
CA GLN A 140 -7.61 4.44 10.89
CA GLN A 140 -7.57 4.50 10.83
C GLN A 140 -7.97 3.31 9.96
N LEU A 141 -6.97 2.50 9.60
CA LEU A 141 -7.11 1.39 8.70
C LEU A 141 -7.08 0.06 9.46
N TYR A 142 -8.19 -0.70 9.42
CA TYR A 142 -8.28 -1.99 10.11
C TYR A 142 -8.10 -3.20 9.23
N GLY A 143 -8.33 -3.04 7.93
CA GLY A 143 -8.21 -4.13 6.99
C GLY A 143 -7.98 -3.55 5.61
N VAL A 144 -7.04 -4.15 4.88
CA VAL A 144 -6.77 -3.65 3.51
C VAL A 144 -6.59 -4.86 2.63
N PHE A 145 -7.22 -4.81 1.46
CA PHE A 145 -7.29 -5.95 0.54
C PHE A 145 -7.60 -5.45 -0.87
N PRO A 146 -7.38 -6.30 -1.88
CA PRO A 146 -7.58 -5.82 -3.24
C PRO A 146 -9.01 -5.34 -3.52
N GLU A 147 -9.99 -5.87 -2.81
CA GLU A 147 -11.38 -5.51 -3.06
C GLU A 147 -11.84 -4.20 -2.40
N GLY A 148 -11.11 -3.74 -1.39
CA GLY A 148 -11.57 -2.65 -0.58
C GLY A 148 -10.86 -2.55 0.74
N ARG A 149 -11.54 -1.96 1.71
CA ARG A 149 -10.94 -1.66 3.02
C ARG A 149 -11.97 -1.76 4.16
N LEU A 150 -11.45 -2.04 5.38
CA LEU A 150 -12.14 -1.83 6.65
C LEU A 150 -11.53 -0.63 7.32
N GLU A 151 -12.37 0.38 7.53
CA GLU A 151 -11.95 1.65 8.04
C GLU A 151 -12.62 2.01 9.38
N GLN A 152 -11.94 2.85 10.14
CA GLN A 152 -12.56 3.49 11.27
C GLN A 152 -13.75 4.27 10.86
N TYR A 153 -14.80 4.18 11.67
CA TYR A 153 -16.01 5.02 11.48
C TYR A 153 -15.83 6.29 12.30
N ILE A 154 -15.90 7.43 11.64
CA ILE A 154 -15.68 8.69 12.33
C ILE A 154 -17.05 9.39 12.38
N PRO A 155 -17.58 9.63 13.61
CA PRO A 155 -18.80 10.42 13.75
C PRO A 155 -18.65 11.78 13.08
N SER A 156 -19.42 11.99 12.03
CA SER A 156 -19.26 13.20 11.24
C SER A 156 -20.45 13.32 10.34
N ARG A 157 -20.53 14.42 9.62
CA ARG A 157 -21.37 14.47 8.44
C ARG A 157 -20.50 15.07 7.34
N PRO A 158 -20.81 14.73 6.09
CA PRO A 158 -20.23 15.45 4.97
C PRO A 158 -20.91 16.82 4.84
N LEU A 159 -20.19 17.76 4.25
CA LEU A 159 -20.78 19.05 3.92
C LEU A 159 -21.86 18.87 2.87
N LYS A 160 -22.78 19.84 2.80
CA LYS A 160 -23.80 19.88 1.76
C LYS A 160 -23.35 20.85 0.69
N THR A 161 -23.84 20.66 -0.54
CA THR A 161 -23.44 21.51 -1.66
C THR A 161 -23.53 23.00 -1.33
N GLN A 162 -24.65 23.44 -0.73
CA GLN A 162 -24.84 24.87 -0.48
C GLN A 162 -23.86 25.40 0.55
N GLU A 163 -23.35 24.53 1.41
CA GLU A 163 -22.39 24.94 2.42
C GLU A 163 -21.00 25.29 1.89
N LEU A 164 -20.66 24.79 0.71
CA LEU A 164 -19.38 25.11 0.05
C LEU A 164 -19.19 26.60 -0.21
N ARG A 165 -20.31 27.32 -0.38
CA ARG A 165 -20.30 28.76 -0.65
C ARG A 165 -20.21 29.67 0.59
N GLU A 166 -20.43 29.12 1.78
CA GLU A 166 -20.27 29.92 3.01
C GLU A 166 -18.82 30.31 3.14
N PRO A 167 -18.53 31.62 3.36
CA PRO A 167 -17.14 32.11 3.32
C PRO A 167 -16.14 31.51 4.34
N VAL A 168 -16.63 31.15 5.53
CA VAL A 168 -15.77 30.53 6.56
C VAL A 168 -15.41 29.08 6.15
N LEU A 169 -16.41 28.29 5.74
CA LEU A 169 -16.13 26.93 5.26
C LEU A 169 -15.28 26.98 4.02
N SER A 170 -15.61 27.87 3.09
CA SER A 170 -14.82 27.96 1.86
C SER A 170 -13.36 28.29 2.15
N ALA A 171 -13.08 29.25 3.05
CA ALA A 171 -11.71 29.53 3.46
C ALA A 171 -11.02 28.28 4.08
N ALA A 172 -11.74 27.56 4.93
CA ALA A 172 -11.20 26.37 5.61
C ALA A 172 -10.81 25.27 4.57
N ILE A 173 -11.69 25.07 3.58
CA ILE A 173 -11.44 24.14 2.47
C ILE A 173 -10.20 24.56 1.67
N ALA A 174 -10.05 25.85 1.39
CA ALA A 174 -8.88 26.36 0.64
C ALA A 174 -7.57 26.15 1.41
N THR A 175 -7.60 26.43 2.71
CA THR A 175 -6.48 26.15 3.58
C THR A 175 -6.08 24.68 3.66
N LYS A 176 -7.05 23.80 3.87
CA LYS A 176 -6.83 22.34 3.85
C LYS A 176 -6.24 21.87 2.52
N ALA A 178 -4.54 23.65 0.30
CA ALA A 178 -3.17 24.13 0.19
C ALA A 178 -2.20 23.24 1.02
N GLN A 179 -2.66 22.77 2.16
CA GLN A 179 -1.85 21.89 3.03
C GLN A 179 -1.49 20.63 2.30
N PHE A 180 -2.49 19.99 1.71
CA PHE A 180 -2.24 18.80 0.91
C PHE A 180 -1.33 19.05 -0.28
N HIS A 181 -1.55 20.16 -1.01
CA HIS A 181 -0.67 20.56 -2.12
C HIS A 181 0.82 20.77 -1.77
N GLY A 182 1.09 21.04 -0.50
CA GLY A 182 2.43 21.16 0.01
C GLY A 182 3.11 19.85 0.36
N GLU A 184 4.63 15.88 0.10
CA GLU A 184 5.39 15.01 -0.77
C GLU A 184 4.85 13.60 -0.62
N PRO A 186 4.64 9.42 -2.41
CA PRO A 186 5.50 8.51 -3.21
C PRO A 186 4.93 8.04 -4.53
N PHE A 187 4.43 9.01 -5.30
CA PHE A 187 3.79 8.76 -6.59
C PHE A 187 4.50 9.65 -7.63
N THR A 188 4.26 9.36 -8.88
CA THR A 188 5.02 10.03 -9.92
C THR A 188 4.78 11.52 -9.87
N LYS A 189 5.85 12.28 -10.05
CA LYS A 189 5.79 13.73 -9.89
C LYS A 189 5.44 14.44 -11.19
N GLU A 190 5.46 13.68 -12.26
CA GLU A 190 5.10 14.16 -13.60
CA GLU A 190 5.09 14.20 -13.57
C GLU A 190 3.58 14.19 -13.73
N PRO A 191 3.04 15.29 -14.30
CA PRO A 191 1.58 15.42 -14.40
C PRO A 191 0.93 14.61 -15.51
N HIS A 192 1.21 13.31 -15.57
CA HIS A 192 0.62 12.40 -16.56
C HIS A 192 -0.86 12.12 -16.29
N TRP A 193 -1.32 12.34 -15.07
CA TRP A 193 -2.62 11.86 -14.61
C TRP A 193 -3.79 12.34 -15.47
N LEU A 194 -3.78 13.64 -15.71
CA LEU A 194 -4.96 14.31 -16.33
C LEU A 194 -5.25 13.79 -17.75
N PHE A 195 -4.32 13.98 -18.68
CA PHE A 195 -4.53 13.51 -20.03
C PHE A 195 -4.27 12.03 -20.20
N GLY A 196 -3.39 11.46 -19.37
CA GLY A 196 -3.20 10.03 -19.40
C GLY A 196 -4.46 9.27 -19.04
N THR A 197 -5.15 9.72 -18.00
CA THR A 197 -6.38 9.06 -17.57
C THR A 197 -7.52 9.32 -18.60
N GLU A 199 -7.29 9.96 -21.91
CA GLU A 199 -7.02 9.14 -23.09
C GLU A 199 -7.38 7.69 -22.84
N ARG A 200 -7.07 7.17 -21.64
CA ARG A 200 -7.46 5.81 -21.31
C ARG A 200 -8.96 5.62 -21.34
N TYR A 201 -9.66 6.54 -20.69
CA TYR A 201 -11.12 6.50 -20.61
C TYR A 201 -11.74 6.56 -22.02
N LEU A 202 -11.22 7.45 -22.84
CA LEU A 202 -11.73 7.65 -24.21
C LEU A 202 -11.64 6.33 -25.00
N LYS A 203 -10.49 5.67 -24.90
CA LYS A 203 -10.23 4.43 -25.59
C LYS A 203 -11.12 3.32 -25.08
N GLN A 204 -11.26 3.22 -23.76
CA GLN A 204 -12.13 2.21 -23.15
C GLN A 204 -13.60 2.41 -23.57
N ILE A 205 -14.04 3.67 -23.61
CA ILE A 205 -15.41 3.99 -24.02
C ILE A 205 -15.66 3.49 -25.48
N GLN A 206 -14.73 3.82 -26.39
CA GLN A 206 -14.82 3.46 -27.81
C GLN A 206 -14.84 1.95 -28.01
N ASP A 207 -14.17 1.23 -27.13
CA ASP A 207 -14.11 -0.22 -27.19
C ASP A 207 -15.27 -0.92 -26.46
N LEU A 208 -16.23 -0.17 -25.92
CA LEU A 208 -17.34 -0.79 -25.20
C LEU A 208 -18.47 -1.19 -26.15
N PRO A 209 -19.23 -2.24 -25.80
CA PRO A 209 -20.56 -2.46 -26.38
C PRO A 209 -21.36 -1.17 -26.65
N ASN A 217 -24.87 9.01 -28.75
CA ASN A 217 -23.42 8.97 -28.93
C ASN A 217 -22.83 10.31 -28.57
N LEU A 218 -22.36 10.45 -27.33
CA LEU A 218 -21.81 11.74 -26.88
C LEU A 218 -20.48 12.07 -27.49
N LEU A 219 -19.69 11.04 -27.82
CA LEU A 219 -18.42 11.22 -28.50
C LEU A 219 -18.63 11.94 -29.84
N GLU A 220 -19.65 11.53 -30.59
CA GLU A 220 -19.98 12.16 -31.89
C GLU A 220 -20.70 13.48 -31.69
N TYR A 222 -20.63 15.62 -29.27
CA TYR A 222 -19.80 16.71 -28.74
C TYR A 222 -18.36 16.74 -29.32
N SER A 223 -18.08 15.89 -30.31
CA SER A 223 -16.75 15.82 -30.95
C SER A 223 -15.60 15.80 -29.92
N LEU A 224 -15.69 14.81 -29.04
CA LEU A 224 -14.83 14.74 -27.84
C LEU A 224 -13.34 14.43 -28.15
N LYS A 225 -13.10 13.51 -29.08
CA LYS A 225 -11.73 13.20 -29.54
C LYS A 225 -11.01 14.45 -30.01
N ASP A 226 -11.65 15.23 -30.87
CA ASP A 226 -11.08 16.51 -31.34
C ASP A 226 -10.99 17.53 -30.21
N GLU A 227 -12.04 17.61 -29.41
CA GLU A 227 -12.07 18.61 -28.33
C GLU A 227 -11.00 18.36 -27.29
N GLY A 229 -7.95 17.43 -27.88
CA GLY A 229 -6.82 18.13 -28.48
C GLY A 229 -6.85 19.64 -28.30
N ASN A 230 -8.06 20.20 -28.44
CA ASN A 230 -8.26 21.62 -28.23
C ASN A 230 -7.99 21.98 -26.77
N LEU A 231 -8.48 21.15 -25.85
CA LEU A 231 -8.26 21.42 -24.43
C LEU A 231 -6.77 21.32 -24.09
N ARG A 232 -6.12 20.27 -24.61
CA ARG A 232 -4.69 20.07 -24.42
CA ARG A 232 -4.70 20.10 -24.36
C ARG A 232 -3.95 21.36 -24.80
N LYS A 233 -4.29 21.89 -25.97
CA LYS A 233 -3.62 23.10 -26.48
C LYS A 233 -3.84 24.30 -25.56
N LEU A 234 -5.09 24.52 -25.15
CA LEU A 234 -5.39 25.62 -24.26
C LEU A 234 -4.59 25.56 -22.96
N LEU A 235 -4.52 24.36 -22.39
CA LEU A 235 -3.84 24.16 -21.13
C LEU A 235 -2.30 24.24 -21.28
N GLU A 236 -1.79 23.84 -22.42
CA GLU A 236 -0.34 24.00 -22.69
C GLU A 236 0.08 25.46 -22.58
N SER A 237 -0.85 26.36 -22.86
CA SER A 237 -0.55 27.78 -22.82
C SER A 237 -0.88 28.39 -21.45
N THR A 238 -1.31 27.55 -20.49
CA THR A 238 -1.70 28.05 -19.18
C THR A 238 -0.81 27.42 -18.12
N PRO A 239 0.21 28.14 -17.61
CA PRO A 239 1.08 27.60 -16.54
C PRO A 239 0.32 27.27 -15.28
N SER A 240 0.58 26.10 -14.72
CA SER A 240 -0.02 25.74 -13.45
C SER A 240 0.94 24.77 -12.77
N PRO A 241 1.38 25.13 -11.55
CA PRO A 241 2.31 24.32 -10.77
C PRO A 241 1.75 22.94 -10.51
N VAL A 242 2.62 21.91 -10.62
CA VAL A 242 2.31 20.52 -10.34
C VAL A 242 2.49 20.22 -8.84
N VAL A 243 1.39 19.77 -8.23
CA VAL A 243 1.32 19.53 -6.80
C VAL A 243 0.54 18.24 -6.55
N PHE A 244 0.68 17.70 -5.35
CA PHE A 244 -0.10 16.56 -4.95
C PHE A 244 -1.56 16.96 -4.81
N CYS A 245 -2.40 16.46 -5.75
CA CYS A 245 -3.84 16.79 -5.81
C CYS A 245 -4.75 15.65 -5.32
N HIS A 246 -5.89 16.02 -4.72
CA HIS A 246 -6.91 15.08 -4.32
C HIS A 246 -7.73 14.69 -5.57
N ASN A 247 -8.06 15.70 -6.39
CA ASN A 247 -8.74 15.58 -7.67
C ASN A 247 -10.26 15.41 -7.59
N ASP A 248 -10.79 15.34 -6.37
CA ASP A 248 -12.22 15.01 -6.17
C ASP A 248 -12.77 15.71 -4.91
N ILE A 249 -12.43 16.99 -4.76
CA ILE A 249 -12.74 17.74 -3.54
C ILE A 249 -14.16 18.30 -3.69
N GLN A 250 -15.08 17.39 -3.51
CA GLN A 250 -16.51 17.70 -3.43
CA GLN A 250 -16.51 17.69 -3.44
C GLN A 250 -16.98 17.59 -1.98
N GLU A 251 -18.16 18.15 -1.72
CA GLU A 251 -18.76 18.13 -0.38
C GLU A 251 -18.84 16.78 0.35
N GLY A 252 -19.14 15.71 -0.38
CA GLY A 252 -19.21 14.37 0.16
C GLY A 252 -17.88 13.79 0.65
N ASN A 253 -16.76 14.37 0.20
CA ASN A 253 -15.41 14.01 0.65
C ASN A 253 -14.81 14.92 1.72
N ILE A 254 -15.61 15.86 2.20
CA ILE A 254 -15.17 16.79 3.23
C ILE A 254 -16.08 16.53 4.43
N LEU A 255 -15.48 15.94 5.47
CA LEU A 255 -16.19 15.65 6.72
C LEU A 255 -16.01 16.77 7.74
N LEU A 256 -17.14 17.19 8.29
CA LEU A 256 -17.17 18.15 9.38
C LEU A 256 -17.03 17.34 10.69
N LEU A 257 -15.90 17.49 11.35
CA LEU A 257 -15.61 16.81 12.62
C LEU A 257 -16.11 17.62 13.82
N SER A 265 -11.24 21.15 12.35
CA SER A 265 -12.67 20.83 12.16
C SER A 265 -12.99 20.03 10.87
N LEU A 266 -12.10 20.03 9.88
CA LEU A 266 -12.39 19.33 8.59
C LEU A 266 -11.44 18.15 8.40
N LEU A 268 -10.41 15.80 4.99
CA LEU A 268 -10.59 15.47 3.57
C LEU A 268 -10.36 13.96 3.47
N VAL A 269 -11.30 13.23 2.85
CA VAL A 269 -11.25 11.77 2.72
C VAL A 269 -11.37 11.30 1.28
N ASP A 270 -11.12 10.01 1.07
CA ASP A 270 -11.33 9.34 -0.23
C ASP A 270 -10.39 9.89 -1.32
N PHE A 271 -9.09 9.65 -1.11
CA PHE A 271 -8.00 10.01 -2.08
C PHE A 271 -7.85 8.98 -3.26
N GLU A 272 -8.91 8.27 -3.65
CA GLU A 272 -8.82 7.24 -4.72
C GLU A 272 -8.37 7.82 -6.04
N TYR A 273 -8.74 9.09 -6.30
CA TYR A 273 -8.43 9.75 -7.58
C TYR A 273 -7.17 10.63 -7.47
N SER A 274 -6.46 10.56 -6.33
CA SER A 274 -5.40 11.50 -6.09
C SER A 274 -4.19 11.19 -6.98
N SER A 275 -3.40 12.24 -7.19
CA SER A 275 -2.15 12.15 -7.95
CA SER A 275 -2.22 12.18 -8.07
C SER A 275 -1.56 13.55 -8.07
N TYR A 276 -0.25 13.58 -8.42
CA TYR A 276 0.36 14.83 -8.81
C TYR A 276 -0.34 15.31 -10.10
N ASN A 277 -0.72 16.56 -10.07
CA ASN A 277 -1.55 17.14 -11.11
C ASN A 277 -1.39 18.65 -10.99
N TYR A 278 -1.97 19.35 -11.96
CA TYR A 278 -2.00 20.82 -11.94
C TYR A 278 -2.85 21.39 -10.81
N ARG A 279 -2.27 22.34 -10.08
CA ARG A 279 -2.94 23.00 -9.00
C ARG A 279 -4.31 23.54 -9.43
N GLY A 280 -4.35 24.06 -10.66
CA GLY A 280 -5.56 24.62 -11.23
C GLY A 280 -6.70 23.63 -11.36
N PHE A 281 -6.39 22.34 -11.60
CA PHE A 281 -7.40 21.32 -11.64
C PHE A 281 -8.05 21.14 -10.27
N ASP A 282 -7.27 21.05 -9.18
CA ASP A 282 -7.86 20.77 -7.90
C ASP A 282 -8.81 21.93 -7.52
N ILE A 283 -8.35 23.14 -7.78
CA ILE A 283 -9.14 24.35 -7.45
C ILE A 283 -10.38 24.45 -8.33
N GLY A 284 -10.15 24.45 -9.66
CA GLY A 284 -11.26 24.45 -10.63
C GLY A 284 -12.27 23.36 -10.39
N ASN A 285 -11.80 22.14 -10.17
CA ASN A 285 -12.71 21.08 -9.88
C ASN A 285 -13.64 21.32 -8.66
N HIS A 286 -13.06 21.81 -7.57
CA HIS A 286 -13.80 22.15 -6.39
C HIS A 286 -14.88 23.19 -6.75
N PHE A 287 -14.48 24.19 -7.48
CA PHE A 287 -15.44 25.23 -7.90
C PHE A 287 -16.60 24.64 -8.73
N CYS A 288 -16.30 23.70 -9.64
CA CYS A 288 -17.35 23.01 -10.41
C CYS A 288 -18.33 22.30 -9.50
N GLU A 289 -17.81 21.76 -8.41
CA GLU A 289 -18.66 21.03 -7.48
C GLU A 289 -19.67 21.92 -6.75
N TRP A 290 -19.48 23.24 -6.78
CA TRP A 290 -20.51 24.15 -6.23
C TRP A 290 -21.84 24.03 -6.96
N VAL A 291 -21.79 23.53 -8.19
CA VAL A 291 -22.93 23.44 -9.10
C VAL A 291 -23.77 22.15 -8.93
N TYR A 292 -23.18 21.08 -8.36
CA TYR A 292 -23.76 19.76 -8.45
C TYR A 292 -24.10 19.24 -7.07
N ASP A 293 -25.34 18.82 -6.92
CA ASP A 293 -25.87 18.29 -5.69
C ASP A 293 -26.32 16.85 -5.95
N TYR A 294 -25.64 15.91 -5.32
CA TYR A 294 -25.85 14.48 -5.59
C TYR A 294 -26.83 13.82 -4.60
N THR A 295 -27.46 14.62 -3.74
CA THR A 295 -28.46 14.12 -2.79
C THR A 295 -29.90 14.16 -3.35
N HIS A 296 -30.05 14.72 -4.54
CA HIS A 296 -31.34 14.77 -5.23
C HIS A 296 -32.00 13.38 -5.26
N GLU A 297 -33.25 13.29 -4.79
CA GLU A 297 -33.90 11.99 -4.55
C GLU A 297 -34.50 11.29 -5.79
N GLU A 298 -34.74 12.02 -6.88
CA GLU A 298 -35.35 11.41 -8.08
C GLU A 298 -34.30 11.30 -9.18
N TRP A 299 -34.49 10.36 -10.10
CA TRP A 299 -33.60 10.23 -11.27
CA TRP A 299 -33.59 10.21 -11.25
C TRP A 299 -33.42 11.59 -11.94
N PRO A 300 -32.20 11.92 -12.40
CA PRO A 300 -30.94 11.14 -12.48
C PRO A 300 -30.12 11.07 -11.18
N PHE A 301 -30.68 11.57 -10.08
CA PHE A 301 -30.09 11.55 -8.72
C PHE A 301 -28.97 12.60 -8.47
N TYR A 302 -28.97 13.65 -9.26
CA TYR A 302 -28.19 14.85 -9.00
C TYR A 302 -29.01 16.03 -9.54
N LYS A 303 -28.72 17.22 -9.05
CA LYS A 303 -29.31 18.45 -9.59
C LYS A 303 -28.18 19.44 -9.87
N ALA A 304 -28.17 20.01 -11.09
CA ALA A 304 -27.20 21.07 -11.44
C ALA A 304 -27.87 22.40 -11.26
N ARG A 305 -27.13 23.36 -10.69
CA ARG A 305 -27.49 24.76 -10.68
C ARG A 305 -26.31 25.59 -11.19
N PRO A 306 -26.17 25.73 -12.54
CA PRO A 306 -25.03 26.40 -13.17
C PRO A 306 -24.73 27.81 -12.65
N THR A 307 -25.78 28.52 -12.24
CA THR A 307 -25.59 29.87 -11.66
C THR A 307 -24.95 29.86 -10.28
N ASP A 308 -24.93 28.69 -9.61
CA ASP A 308 -24.21 28.49 -8.36
C ASP A 308 -22.68 28.40 -8.51
N TYR A 309 -22.13 28.33 -9.72
CA TYR A 309 -20.69 28.41 -9.89
C TYR A 309 -20.16 29.68 -9.19
N PRO A 310 -19.02 29.58 -8.48
CA PRO A 310 -18.61 30.79 -7.75
C PRO A 310 -18.40 32.02 -8.66
N THR A 311 -18.89 33.15 -8.18
CA THR A 311 -18.64 34.45 -8.79
C THR A 311 -17.18 34.79 -8.68
N GLN A 312 -16.74 35.86 -9.36
CA GLN A 312 -15.33 36.26 -9.28
C GLN A 312 -14.95 36.59 -7.83
N GLU A 313 -15.90 37.09 -7.06
CA GLU A 313 -15.71 37.50 -5.65
CA GLU A 313 -15.54 37.47 -5.69
C GLU A 313 -15.49 36.26 -4.77
N GLN A 314 -16.37 35.29 -4.96
CA GLN A 314 -16.30 34.00 -4.26
C GLN A 314 -14.97 33.28 -4.59
N GLN A 315 -14.55 33.28 -5.85
CA GLN A 315 -13.30 32.63 -6.29
C GLN A 315 -12.10 33.34 -5.65
N LEU A 316 -12.15 34.66 -5.68
CA LEU A 316 -11.09 35.45 -5.05
C LEU A 316 -10.93 35.18 -3.56
N HIS A 317 -12.04 35.08 -2.84
CA HIS A 317 -12.07 34.76 -1.40
C HIS A 317 -11.38 33.43 -1.16
N PHE A 318 -11.76 32.44 -1.93
CA PHE A 318 -11.09 31.14 -1.84
C PHE A 318 -9.59 31.23 -2.17
N ILE A 319 -9.27 31.79 -3.32
CA ILE A 319 -7.90 31.97 -3.78
C ILE A 319 -7.01 32.72 -2.75
N ARG A 320 -7.55 33.75 -2.13
CA ARG A 320 -6.79 34.49 -1.07
C ARG A 320 -6.39 33.62 0.12
N HIS A 321 -7.31 32.86 0.65
CA HIS A 321 -7.00 31.92 1.74
C HIS A 321 -6.14 30.72 1.30
N TYR A 322 -6.29 30.30 0.05
CA TYR A 322 -5.42 29.27 -0.53
C TYR A 322 -3.98 29.77 -0.53
N LEU A 323 -3.76 30.97 -1.06
CA LEU A 323 -2.40 31.49 -1.18
C LEU A 323 -1.80 31.91 0.16
N ALA A 324 -2.63 32.32 1.12
CA ALA A 324 -2.19 32.58 2.51
C ALA A 324 -1.48 31.37 3.12
N GLU A 325 -2.06 30.20 2.90
CA GLU A 325 -1.45 28.93 3.34
C GLU A 325 -0.31 28.54 2.39
N ALA A 326 -0.54 28.53 1.08
CA ALA A 326 0.49 28.17 0.11
C ALA A 326 1.79 28.95 0.26
N LYS A 327 1.67 30.26 0.50
CA LYS A 327 2.84 31.15 0.58
C LYS A 327 3.14 31.58 2.01
N LYS A 328 2.69 30.79 2.99
CA LYS A 328 2.88 31.06 4.42
C LYS A 328 4.32 31.43 4.71
N GLY A 329 4.51 32.49 5.49
CA GLY A 329 5.85 32.90 5.90
C GLY A 329 6.51 33.88 4.96
N GLU A 330 6.23 33.76 3.66
CA GLU A 330 6.78 34.69 2.68
C GLU A 330 6.22 36.06 2.97
N THR A 331 7.01 37.06 2.64
CA THR A 331 6.59 38.43 2.73
C THR A 331 6.49 38.89 1.28
N LEU A 332 5.29 39.33 0.90
CA LEU A 332 5.01 39.75 -0.48
C LEU A 332 4.34 41.12 -0.40
N SER A 333 4.73 42.01 -1.30
CA SER A 333 4.09 43.32 -1.40
C SER A 333 2.64 43.13 -1.83
N GLN A 334 1.81 44.13 -1.58
CA GLN A 334 0.42 44.08 -2.02
C GLN A 334 0.32 44.02 -3.54
N GLU A 335 1.30 44.58 -4.24
CA GLU A 335 1.38 44.46 -5.71
C GLU A 335 1.52 42.98 -6.09
N GLU A 336 2.56 42.33 -5.54
CA GLU A 336 2.85 40.91 -5.81
C GLU A 336 1.66 40.01 -5.49
N GLN A 337 1.09 40.23 -4.32
CA GLN A 337 -0.09 39.52 -3.85
C GLN A 337 -1.25 39.63 -4.84
N ARG A 338 -1.52 40.82 -5.36
CA ARG A 338 -2.67 41.00 -6.27
C ARG A 338 -2.41 40.34 -7.62
N LYS A 339 -1.15 40.31 -8.05
CA LYS A 339 -0.72 39.62 -9.26
C LYS A 339 -0.88 38.09 -9.15
N LEU A 340 -0.51 37.53 -8.00
CA LEU A 340 -0.65 36.11 -7.72
C LEU A 340 -2.11 35.72 -7.82
N GLU A 341 -2.97 36.55 -7.23
CA GLU A 341 -4.41 36.36 -7.24
C GLU A 341 -5.02 36.41 -8.62
N GLU A 342 -4.66 37.44 -9.40
CA GLU A 342 -5.11 37.61 -10.79
C GLU A 342 -4.73 36.44 -11.68
N ASP A 343 -3.46 36.05 -11.59
CA ASP A 343 -2.88 34.94 -12.35
C ASP A 343 -3.58 33.60 -12.02
N LEU A 344 -3.83 33.37 -10.74
CA LEU A 344 -4.48 32.14 -10.30
C LEU A 344 -5.94 32.13 -10.72
N LEU A 345 -6.62 33.29 -10.69
CA LEU A 345 -8.00 33.36 -11.23
C LEU A 345 -8.11 32.87 -12.67
N VAL A 346 -7.16 33.28 -13.50
CA VAL A 346 -7.13 32.91 -14.91
C VAL A 346 -6.78 31.43 -15.07
N GLU A 347 -5.80 31.02 -14.27
CA GLU A 347 -5.34 29.62 -14.27
C GLU A 347 -6.49 28.69 -13.98
N VAL A 348 -7.20 28.99 -12.91
CA VAL A 348 -8.37 28.25 -12.50
C VAL A 348 -9.50 28.21 -13.54
N SER A 349 -9.78 29.34 -14.20
CA SER A 349 -10.89 29.38 -15.16
C SER A 349 -10.66 28.44 -16.33
N ARG A 350 -9.39 28.20 -16.67
CA ARG A 350 -9.04 27.30 -17.73
C ARG A 350 -9.00 25.85 -17.29
N TYR A 351 -8.38 25.59 -16.13
CA TYR A 351 -8.34 24.23 -15.59
C TYR A 351 -9.68 23.69 -15.12
N ALA A 352 -10.61 24.58 -14.74
CA ALA A 352 -12.01 24.18 -14.50
C ALA A 352 -12.62 23.42 -15.68
N LEU A 353 -12.27 23.81 -16.89
CA LEU A 353 -12.72 23.12 -18.08
C LEU A 353 -12.29 21.66 -18.09
N ALA A 354 -11.09 21.40 -17.59
CA ALA A 354 -10.62 20.02 -17.50
C ALA A 354 -11.40 19.17 -16.49
N SER A 355 -11.90 19.76 -15.41
CA SER A 355 -12.82 19.08 -14.47
C SER A 355 -14.04 18.55 -15.21
N HIS A 356 -14.68 19.41 -15.98
CA HIS A 356 -15.85 18.99 -16.78
C HIS A 356 -15.56 17.87 -17.73
N PHE A 357 -14.45 17.99 -18.46
CA PHE A 357 -14.09 17.02 -19.44
C PHE A 357 -13.70 15.71 -18.79
N PHE A 358 -12.93 15.78 -17.71
CA PHE A 358 -12.51 14.56 -17.00
C PHE A 358 -13.70 13.76 -16.49
N TRP A 359 -14.54 14.42 -15.70
CA TRP A 359 -15.66 13.75 -15.08
C TRP A 359 -16.75 13.37 -16.13
N GLY A 360 -16.85 14.12 -17.23
CA GLY A 360 -17.74 13.72 -18.32
C GLY A 360 -17.37 12.37 -18.91
N LEU A 361 -16.09 12.22 -19.23
CA LEU A 361 -15.53 10.96 -19.74
C LEU A 361 -15.68 9.86 -18.70
N TRP A 362 -15.29 10.15 -17.47
CA TRP A 362 -15.48 9.19 -16.38
C TRP A 362 -16.92 8.67 -16.31
N SER A 363 -17.91 9.58 -16.41
CA SER A 363 -19.29 9.27 -16.19
C SER A 363 -19.82 8.40 -17.37
N ILE A 364 -19.33 8.66 -18.57
CA ILE A 364 -19.70 7.80 -19.72
C ILE A 364 -19.24 6.34 -19.49
N LEU A 365 -17.98 6.18 -19.10
CA LEU A 365 -17.45 4.88 -18.77
C LEU A 365 -18.20 4.19 -17.61
N GLN A 366 -18.50 4.94 -16.56
CA GLN A 366 -19.30 4.46 -15.45
C GLN A 366 -20.71 3.95 -15.79
N ALA A 367 -21.35 4.59 -16.77
CA ALA A 367 -22.66 4.11 -17.28
C ALA A 367 -22.58 2.64 -17.63
N SER A 368 -21.41 2.17 -18.07
CA SER A 368 -21.22 0.76 -18.33
C SER A 368 -20.47 -0.05 -17.23
N SER A 370 -20.12 0.92 -13.72
CA SER A 370 -20.68 1.00 -12.39
C SER A 370 -21.94 0.14 -12.20
N THR A 371 -22.16 -0.28 -10.96
CA THR A 371 -23.41 -0.89 -10.49
C THR A 371 -24.24 0.02 -9.56
N ILE A 372 -23.77 1.25 -9.33
CA ILE A 372 -24.47 2.19 -8.50
C ILE A 372 -25.59 2.87 -9.32
N GLU A 373 -26.75 3.06 -8.68
CA GLU A 373 -27.90 3.65 -9.34
C GLU A 373 -27.70 5.15 -9.39
N PHE A 374 -27.48 5.65 -10.60
CA PHE A 374 -27.20 7.06 -10.84
C PHE A 374 -27.30 7.31 -12.33
N GLY A 375 -27.78 8.49 -12.68
CA GLY A 375 -27.87 8.89 -14.07
C GLY A 375 -26.55 9.30 -14.70
N TYR A 376 -25.68 8.32 -14.92
CA TYR A 376 -24.32 8.59 -15.41
C TYR A 376 -24.29 9.30 -16.76
N LEU A 377 -25.09 8.84 -17.73
CA LEU A 377 -25.09 9.46 -19.05
C LEU A 377 -25.66 10.88 -19.00
N ASP A 378 -26.71 11.08 -18.20
CA ASP A 378 -27.30 12.39 -18.01
C ASP A 378 -26.30 13.35 -17.40
N TYR A 379 -25.59 12.87 -16.38
CA TYR A 379 -24.55 13.65 -15.73
C TYR A 379 -23.42 13.99 -16.68
N ALA A 380 -23.03 13.03 -17.52
CA ALA A 380 -22.00 13.27 -18.54
C ALA A 380 -22.39 14.41 -19.52
N GLN A 381 -23.64 14.33 -19.99
CA GLN A 381 -24.21 15.37 -20.83
C GLN A 381 -24.10 16.72 -20.19
N SER A 382 -24.51 16.81 -18.93
CA SER A 382 -24.40 18.03 -18.14
C SER A 382 -22.98 18.57 -18.09
N ARG A 383 -21.99 17.71 -17.82
CA ARG A 383 -20.62 18.18 -17.71
C ARG A 383 -20.10 18.73 -19.02
N PHE A 384 -20.41 18.05 -20.11
CA PHE A 384 -19.94 18.48 -21.45
C PHE A 384 -20.63 19.72 -21.91
N GLN A 385 -21.90 19.82 -21.62
CA GLN A 385 -22.64 21.08 -21.87
C GLN A 385 -22.01 22.25 -21.11
N PHE A 386 -21.72 22.02 -19.83
CA PHE A 386 -21.06 23.02 -19.01
C PHE A 386 -19.61 23.30 -19.47
N TYR A 387 -18.89 22.28 -19.91
CA TYR A 387 -17.59 22.51 -20.55
C TYR A 387 -17.67 23.57 -21.66
N PHE A 388 -18.57 23.34 -22.60
CA PHE A 388 -18.74 24.26 -23.74
C PHE A 388 -19.24 25.61 -23.34
N GLN A 389 -20.12 25.68 -22.35
CA GLN A 389 -20.57 26.95 -21.85
C GLN A 389 -19.40 27.76 -21.34
N GLN A 390 -18.60 27.17 -20.46
CA GLN A 390 -17.52 27.92 -19.85
C GLN A 390 -16.44 28.28 -20.84
N LYS A 391 -16.22 27.43 -21.82
CA LYS A 391 -15.30 27.70 -22.93
C LYS A 391 -15.80 28.90 -23.75
N GLY A 392 -17.13 28.97 -23.94
CA GLY A 392 -17.77 30.09 -24.62
C GLY A 392 -17.61 31.40 -23.88
N GLN A 393 -17.69 31.32 -22.56
CA GLN A 393 -17.49 32.49 -21.71
C GLN A 393 -16.02 32.96 -21.63
N LEU A 394 -15.07 32.06 -21.78
CA LEU A 394 -13.65 32.43 -21.74
C LEU A 394 -13.31 33.31 -22.95
N THR A 395 -13.82 32.89 -24.13
CA THR A 395 -13.60 33.54 -25.44
C THR A 395 -14.06 35.00 -25.49
N SER A 396 -15.00 35.34 -24.62
CA SER A 396 -15.50 36.69 -24.48
C SER A 396 -14.77 37.38 -23.34
N SER B 48 21.87 -4.77 -17.33
CA SER B 48 21.67 -4.68 -18.83
C SER B 48 21.35 -3.24 -19.23
N ARG B 49 21.41 -2.94 -20.53
CA ARG B 49 21.25 -1.54 -20.95
C ARG B 49 19.77 -1.09 -20.83
N ASP B 50 18.84 -2.02 -21.05
CA ASP B 50 17.41 -1.80 -20.75
C ASP B 50 17.10 -1.64 -19.23
N ALA B 51 17.74 -2.43 -18.39
CA ALA B 51 17.60 -2.30 -16.92
C ALA B 51 18.12 -0.95 -16.43
N GLU B 52 19.20 -0.46 -17.01
CA GLU B 52 19.76 0.83 -16.64
C GLU B 52 18.82 1.97 -17.00
N ARG B 53 18.19 1.87 -18.17
CA ARG B 53 17.36 2.93 -18.68
C ARG B 53 16.08 2.99 -17.88
N ARG B 54 15.56 1.82 -17.54
CA ARG B 54 14.30 1.73 -16.77
C ARG B 54 14.57 2.34 -15.39
N ALA B 55 15.72 2.00 -14.79
CA ALA B 55 16.09 2.58 -13.49
C ALA B 55 16.14 4.07 -13.56
N TYR B 56 16.85 4.61 -14.55
CA TYR B 56 16.85 6.05 -14.81
C TYR B 56 15.44 6.69 -14.89
N GLN B 57 14.55 6.06 -15.62
CA GLN B 57 13.21 6.61 -15.79
CA GLN B 57 13.20 6.56 -15.80
C GLN B 57 12.40 6.62 -14.48
N TRP B 58 12.47 5.54 -13.71
CA TRP B 58 11.82 5.53 -12.37
C TRP B 58 12.32 6.65 -11.48
N CYS B 59 13.65 6.81 -11.39
CA CYS B 59 14.20 7.86 -10.54
C CYS B 59 13.75 9.25 -10.97
N ARG B 60 13.89 9.54 -12.25
CA ARG B 60 13.50 10.82 -12.84
C ARG B 60 12.02 11.16 -12.59
N GLU B 61 11.18 10.18 -12.76
CA GLU B 61 9.70 10.34 -12.61
C GLU B 61 9.22 10.53 -11.16
N TYR B 62 9.90 9.91 -10.19
CA TYR B 62 9.46 9.95 -8.80
C TYR B 62 10.27 10.89 -7.89
N LEU B 63 11.53 11.15 -8.22
CA LEU B 63 12.42 11.93 -7.33
C LEU B 63 12.58 13.37 -7.86
N GLY B 64 13.02 14.28 -7.00
CA GLY B 64 13.09 15.70 -7.36
C GLY B 64 14.49 16.28 -7.52
N GLY B 65 14.55 17.55 -7.90
CA GLY B 65 15.80 18.27 -7.88
C GLY B 65 16.72 17.74 -8.95
N ALA B 66 17.97 17.46 -8.57
CA ALA B 66 18.97 16.98 -9.52
C ALA B 66 18.57 15.72 -10.24
N TRP B 67 17.62 14.92 -9.72
CA TRP B 67 17.14 13.70 -10.46
C TRP B 67 16.42 13.97 -11.75
N ARG B 68 15.84 15.16 -11.85
CA ARG B 68 15.18 15.63 -13.04
C ARG B 68 16.14 16.31 -14.03
N ARG B 69 17.38 16.52 -13.61
CA ARG B 69 18.41 17.14 -14.46
C ARG B 69 19.50 16.16 -14.94
N VAL B 70 19.76 15.13 -14.15
CA VAL B 70 20.82 14.19 -14.45
C VAL B 70 20.49 13.47 -15.74
N GLN B 71 21.52 13.15 -16.52
CA GLN B 71 21.29 12.49 -17.79
CA GLN B 71 21.31 12.49 -17.80
C GLN B 71 21.59 11.05 -17.57
N PRO B 72 21.05 10.15 -18.42
CA PRO B 72 21.26 8.71 -18.16
C PRO B 72 22.73 8.27 -18.15
N GLU B 73 23.55 8.97 -18.93
CA GLU B 73 24.99 8.72 -18.98
C GLU B 73 25.67 8.90 -17.64
N GLU B 74 25.12 9.78 -16.84
CA GLU B 74 25.72 10.21 -15.65
C GLU B 74 25.17 9.53 -14.39
N LEU B 75 23.89 9.18 -14.42
CA LEU B 75 23.34 8.47 -13.26
C LEU B 75 24.14 7.19 -13.04
N ARG B 76 24.56 6.95 -11.81
CA ARG B 76 25.17 5.65 -11.48
C ARG B 76 24.10 4.70 -10.97
N VAL B 77 23.91 3.62 -11.71
CA VAL B 77 22.99 2.56 -11.37
C VAL B 77 23.86 1.32 -11.14
N TYR B 78 23.78 0.77 -9.93
CA TYR B 78 24.57 -0.39 -9.57
C TYR B 78 23.66 -1.57 -9.22
N PRO B 79 23.85 -2.71 -9.86
CA PRO B 79 23.18 -3.91 -9.34
C PRO B 79 23.72 -4.24 -7.95
N VAL B 80 22.81 -4.55 -7.03
CA VAL B 80 23.24 -4.90 -5.67
C VAL B 80 22.61 -6.22 -5.29
N SER B 81 23.13 -6.83 -4.22
CA SER B 81 22.55 -8.07 -3.70
C SER B 81 21.10 -7.79 -3.29
N GLY B 82 20.18 -8.45 -3.96
CA GLY B 82 18.76 -8.22 -3.79
C GLY B 82 18.05 -9.37 -3.14
N GLY B 83 18.76 -10.48 -2.96
CA GLY B 83 18.16 -11.70 -2.44
C GLY B 83 17.65 -12.56 -3.58
N LEU B 84 16.74 -13.45 -3.26
CA LEU B 84 16.35 -14.49 -4.17
C LEU B 84 14.92 -14.33 -4.69
N SER B 85 14.27 -13.21 -4.36
CA SER B 85 12.97 -12.90 -4.95
C SER B 85 12.95 -11.70 -5.90
N ASN B 86 13.62 -10.61 -5.52
CA ASN B 86 13.47 -9.31 -6.17
C ASN B 86 14.82 -8.85 -6.70
N LEU B 87 14.77 -7.98 -7.70
CA LEU B 87 15.99 -7.29 -8.20
C LEU B 87 16.18 -6.02 -7.41
N LEU B 88 17.45 -5.61 -7.16
CA LEU B 88 17.73 -4.40 -6.44
C LEU B 88 18.83 -3.63 -7.12
N PHE B 89 18.64 -2.34 -7.23
CA PHE B 89 19.63 -1.43 -7.84
C PHE B 89 19.83 -0.26 -6.93
N ARG B 90 21.09 0.11 -6.70
CA ARG B 90 21.39 1.29 -5.98
C ARG B 90 21.66 2.36 -7.04
N CYS B 91 20.89 3.43 -6.96
CA CYS B 91 20.89 4.53 -7.92
C CYS B 91 21.44 5.74 -7.26
N SER B 92 22.49 6.35 -7.83
CA SER B 92 22.96 7.59 -7.28
C SER B 92 23.37 8.62 -8.28
N LEU B 93 23.27 9.82 -7.81
CA LEU B 93 23.79 10.98 -8.52
C LEU B 93 25.33 10.90 -8.57
N PRO B 94 25.93 11.35 -9.68
CA PRO B 94 27.37 11.46 -9.68
C PRO B 94 27.82 12.51 -8.67
N ASP B 95 29.03 12.29 -8.16
CA ASP B 95 29.57 13.05 -7.08
C ASP B 95 29.79 14.51 -7.50
N HIS B 96 30.07 14.69 -8.80
CA HIS B 96 30.23 16.04 -9.39
C HIS B 96 28.91 16.75 -9.74
N LEU B 97 27.75 16.08 -9.60
CA LEU B 97 26.46 16.77 -9.80
C LEU B 97 25.88 17.14 -8.44
N PRO B 98 25.93 18.43 -8.10
CA PRO B 98 25.41 18.88 -6.83
C PRO B 98 23.90 18.79 -6.71
N SER B 99 23.44 18.74 -5.47
CA SER B 99 22.02 18.66 -5.16
C SER B 99 21.36 20.03 -5.29
N VAL B 100 20.04 20.03 -5.38
CA VAL B 100 19.22 21.24 -5.41
C VAL B 100 18.70 21.54 -4.01
N GLU B 103 17.13 16.58 -1.59
CA GLU B 103 16.77 15.29 -2.19
C GLU B 103 17.79 14.19 -1.90
N PRO B 104 17.37 12.92 -1.97
CA PRO B 104 18.42 11.93 -1.71
C PRO B 104 19.56 11.93 -2.73
N ARG B 105 20.79 11.72 -2.28
CA ARG B 105 21.92 11.50 -3.18
C ARG B 105 21.86 10.11 -3.76
N GLU B 106 21.27 9.18 -2.99
CA GLU B 106 21.00 7.88 -3.52
C GLU B 106 19.74 7.23 -2.93
N VAL B 107 19.30 6.25 -3.67
CA VAL B 107 18.05 5.51 -3.40
C VAL B 107 18.28 4.07 -3.81
N LEU B 108 17.41 3.17 -3.35
CA LEU B 108 17.36 1.82 -3.86
C LEU B 108 16.11 1.65 -4.70
N LEU B 109 16.26 1.00 -5.85
CA LEU B 109 15.13 0.61 -6.71
C LEU B 109 14.96 -0.92 -6.60
N ARG B 110 13.83 -1.36 -6.02
CA ARG B 110 13.57 -2.77 -5.79
C ARG B 110 12.43 -3.15 -6.69
N LEU B 111 12.63 -4.20 -7.47
CA LEU B 111 11.64 -4.66 -8.45
C LEU B 111 11.18 -6.07 -8.10
N TYR B 112 9.88 -6.24 -7.89
CA TYR B 112 9.34 -7.54 -7.47
C TYR B 112 9.50 -8.65 -8.54
N GLY B 113 10.00 -9.79 -8.11
CA GLY B 113 9.88 -10.97 -8.95
C GLY B 113 8.45 -11.38 -9.13
N ALA B 114 8.24 -12.25 -10.11
CA ALA B 114 6.91 -12.76 -10.47
C ALA B 114 6.15 -13.38 -9.31
N ILE B 115 6.85 -14.11 -8.45
CA ILE B 115 6.23 -14.75 -7.28
C ILE B 115 5.60 -13.74 -6.28
N LEU B 116 5.99 -12.46 -6.38
CA LEU B 116 5.50 -11.38 -5.51
C LEU B 116 4.64 -10.34 -6.24
N GLN B 117 4.25 -10.66 -7.49
CA GLN B 117 3.49 -9.71 -8.32
C GLN B 117 1.95 -9.88 -8.26
N GLY B 118 1.46 -10.95 -7.66
CA GLY B 118 0.01 -11.18 -7.44
C GLY B 118 -0.62 -10.03 -6.68
N VAL B 119 -1.86 -9.67 -7.03
CA VAL B 119 -2.50 -8.51 -6.41
C VAL B 119 -2.55 -8.54 -4.88
N ASP B 120 -2.79 -9.72 -4.27
CA ASP B 120 -2.83 -9.83 -2.81
C ASP B 120 -1.47 -9.46 -2.23
N SER B 121 -0.41 -10.02 -2.83
CA SER B 121 0.96 -9.72 -2.40
C SER B 121 1.28 -8.26 -2.57
N LEU B 122 0.87 -7.70 -3.69
CA LEU B 122 1.21 -6.32 -4.01
CA LEU B 122 1.17 -6.29 -4.01
C LEU B 122 0.59 -5.35 -2.99
N VAL B 123 -0.69 -5.56 -2.64
CA VAL B 123 -1.31 -4.67 -1.64
C VAL B 123 -0.58 -4.79 -0.28
N LEU B 124 -0.37 -6.00 0.19
CA LEU B 124 0.30 -6.24 1.47
C LEU B 124 1.71 -5.65 1.52
N GLU B 125 2.55 -5.96 0.49
CA GLU B 125 3.92 -5.54 0.51
C GLU B 125 4.04 -4.02 0.40
N SER B 126 3.16 -3.41 -0.39
CA SER B 126 3.16 -1.95 -0.58
C SER B 126 2.75 -1.19 0.70
N VAL B 127 1.60 -1.59 1.24
CA VAL B 127 1.08 -1.03 2.48
C VAL B 127 2.04 -1.29 3.65
N PHE B 129 5.32 -1.66 3.64
CA PHE B 129 6.49 -0.81 3.54
C PHE B 129 6.13 0.62 3.94
N ALA B 130 4.99 1.09 3.46
CA ALA B 130 4.49 2.44 3.80
C ALA B 130 4.30 2.62 5.32
N ILE B 131 3.61 1.67 5.96
CA ILE B 131 3.40 1.76 7.43
C ILE B 131 4.71 1.81 8.22
N LEU B 132 5.62 0.89 7.91
CA LEU B 132 6.88 0.78 8.60
C LEU B 132 7.72 2.04 8.41
N ALA B 133 7.62 2.64 7.23
CA ALA B 133 8.24 3.91 6.94
C ALA B 133 7.69 4.98 7.87
N GLU B 134 6.37 5.09 7.93
CA GLU B 134 5.74 6.13 8.76
C GLU B 134 6.11 6.00 10.23
N ARG B 135 6.28 4.75 10.70
CA ARG B 135 6.63 4.47 12.11
C ARG B 135 8.11 4.45 12.46
N SER B 136 8.96 4.80 11.50
CA SER B 136 10.41 4.75 11.65
C SER B 136 10.88 3.32 12.00
N LEU B 137 10.23 2.34 11.39
CA LEU B 137 10.60 0.90 11.53
C LEU B 137 11.20 0.31 10.24
N GLY B 138 11.34 1.17 9.22
CA GLY B 138 11.91 0.79 7.98
C GLY B 138 12.34 2.04 7.21
N PRO B 139 12.93 1.84 6.03
CA PRO B 139 13.40 2.95 5.21
C PRO B 139 12.22 3.76 4.69
N GLN B 140 12.46 5.05 4.42
CA GLN B 140 11.41 5.88 3.83
C GLN B 140 11.09 5.43 2.40
N LEU B 141 9.88 5.75 2.00
CA LEU B 141 9.30 5.33 0.73
C LEU B 141 9.21 6.57 -0.15
N TYR B 142 9.97 6.56 -1.24
CA TYR B 142 9.98 7.67 -2.21
C TYR B 142 9.17 7.42 -3.48
N GLY B 143 8.90 6.15 -3.77
CA GLY B 143 8.10 5.71 -4.93
C GLY B 143 7.52 4.32 -4.72
N VAL B 144 6.26 4.14 -5.09
CA VAL B 144 5.53 2.88 -4.91
C VAL B 144 4.67 2.65 -6.12
N PHE B 145 4.72 1.44 -6.67
CA PHE B 145 4.11 1.11 -7.95
C PHE B 145 3.98 -0.38 -8.02
N PRO B 146 3.14 -0.90 -8.94
CA PRO B 146 2.95 -2.34 -9.04
C PRO B 146 4.23 -3.15 -9.25
N GLU B 147 5.22 -2.56 -9.93
CA GLU B 147 6.45 -3.31 -10.25
C GLU B 147 7.47 -3.31 -9.13
N GLY B 148 7.34 -2.43 -8.15
CA GLY B 148 8.37 -2.30 -7.13
C GLY B 148 8.29 -1.00 -6.37
N ARG B 149 9.43 -0.60 -5.84
CA ARG B 149 9.54 0.59 -4.98
C ARG B 149 10.85 1.37 -5.16
N LEU B 150 10.82 2.67 -4.83
CA LEU B 150 12.02 3.48 -4.63
C LEU B 150 12.10 3.79 -3.13
N GLU B 151 13.18 3.34 -2.53
CA GLU B 151 13.42 3.39 -1.09
C GLU B 151 14.62 4.25 -0.72
N GLN B 152 14.52 4.84 0.47
CA GLN B 152 15.67 5.46 1.11
C GLN B 152 16.75 4.45 1.23
N TYR B 153 17.96 4.85 0.85
CA TYR B 153 19.16 4.08 1.14
C TYR B 153 19.61 4.34 2.60
N ILE B 154 19.70 3.26 3.34
CA ILE B 154 20.10 3.27 4.76
C ILE B 154 21.55 2.78 4.82
N PRO B 155 22.50 3.65 5.23
CA PRO B 155 23.88 3.18 5.40
C PRO B 155 23.97 2.01 6.38
N SER B 156 24.45 0.88 5.89
CA SER B 156 24.33 -0.40 6.59
C SER B 156 25.02 -1.48 5.81
N ARG B 157 25.07 -2.66 6.43
CA ARG B 157 25.37 -3.89 5.73
C ARG B 157 24.46 -4.98 6.26
N PRO B 158 24.13 -5.97 5.43
CA PRO B 158 23.40 -7.10 5.99
C PRO B 158 24.30 -7.91 6.90
N LEU B 159 23.70 -8.61 7.84
CA LEU B 159 24.41 -9.60 8.61
C LEU B 159 24.89 -10.74 7.74
N LYS B 160 25.94 -11.45 8.20
CA LYS B 160 26.40 -12.67 7.56
C LYS B 160 25.86 -13.89 8.30
N THR B 161 25.78 -15.03 7.63
CA THR B 161 25.29 -16.30 8.26
C THR B 161 25.92 -16.59 9.59
N GLN B 162 27.26 -16.53 9.66
CA GLN B 162 27.96 -16.85 10.90
C GLN B 162 27.68 -15.87 12.01
N GLU B 163 27.34 -14.64 11.68
CA GLU B 163 27.04 -13.64 12.71
C GLU B 163 25.72 -13.89 13.44
N LEU B 164 24.85 -14.69 12.83
CA LEU B 164 23.57 -15.04 13.46
C LEU B 164 23.74 -15.80 14.75
N ARG B 165 24.91 -16.48 14.88
CA ARG B 165 25.17 -17.29 16.09
C ARG B 165 25.81 -16.52 17.23
N GLU B 166 26.23 -15.31 16.98
CA GLU B 166 26.84 -14.51 18.01
C GLU B 166 25.82 -14.18 19.06
N PRO B 167 26.14 -14.44 20.34
CA PRO B 167 25.17 -14.23 21.39
C PRO B 167 24.53 -12.83 21.44
N VAL B 168 25.32 -11.77 21.26
CA VAL B 168 24.77 -10.42 21.34
C VAL B 168 23.80 -10.12 20.15
N LEU B 169 24.22 -10.42 18.93
CA LEU B 169 23.33 -10.25 17.75
C LEU B 169 22.12 -11.19 17.85
N SER B 170 22.31 -12.45 18.25
CA SER B 170 21.15 -13.36 18.38
C SER B 170 20.14 -12.81 19.35
N ALA B 171 20.59 -12.28 20.50
CA ALA B 171 19.70 -11.64 21.46
C ALA B 171 18.99 -10.41 20.91
N ALA B 172 19.70 -9.55 20.18
CA ALA B 172 19.06 -8.38 19.53
C ALA B 172 18.01 -8.78 18.43
N ILE B 173 18.27 -9.86 17.70
CA ILE B 173 17.34 -10.37 16.68
C ILE B 173 16.06 -10.87 17.39
N ALA B 174 16.24 -11.62 18.45
CA ALA B 174 15.11 -12.13 19.25
C ALA B 174 14.20 -11.05 19.79
N THR B 175 14.81 -10.01 20.36
CA THR B 175 14.11 -8.85 20.86
C THR B 175 13.29 -8.13 19.76
N LYS B 176 13.93 -7.91 18.64
CA LYS B 176 13.31 -7.23 17.51
C LYS B 176 12.19 -8.08 16.93
N ALA B 178 10.38 -10.31 18.64
CA ALA B 178 9.31 -10.23 19.61
C ALA B 178 8.54 -8.92 19.48
N GLN B 179 9.24 -7.82 19.18
CA GLN B 179 8.63 -6.49 19.04
C GLN B 179 7.60 -6.48 17.92
N PHE B 180 8.04 -6.92 16.74
CA PHE B 180 7.10 -7.15 15.60
C PHE B 180 5.93 -8.10 15.90
N HIS B 181 6.19 -9.20 16.59
CA HIS B 181 5.13 -10.12 17.01
C HIS B 181 4.03 -9.50 17.89
N GLY B 182 4.37 -8.39 18.54
CA GLY B 182 3.44 -7.60 19.36
C GLY B 182 2.61 -6.57 18.60
N GLU B 184 0.03 -4.79 15.70
CA GLU B 184 -1.24 -5.02 15.06
C GLU B 184 -1.19 -4.44 13.66
N PRO B 186 -3.03 -4.35 9.51
CA PRO B 186 -4.35 -4.46 8.90
C PRO B 186 -4.57 -5.61 7.89
N PHE B 187 -4.18 -6.83 8.33
CA PHE B 187 -4.24 -8.00 7.51
C PHE B 187 -5.04 -9.06 8.26
N THR B 188 -5.42 -10.11 7.55
CA THR B 188 -6.29 -11.09 8.20
CA THR B 188 -6.27 -11.14 8.15
C THR B 188 -5.57 -11.68 9.40
N LYS B 189 -6.33 -11.86 10.48
CA LYS B 189 -5.81 -12.34 11.76
C LYS B 189 -5.76 -13.86 11.90
N GLU B 190 -6.45 -14.55 11.03
CA GLU B 190 -6.52 -15.98 10.93
CA GLU B 190 -6.42 -15.98 11.10
C GLU B 190 -5.20 -16.48 10.30
N PRO B 191 -4.62 -17.57 10.80
CA PRO B 191 -3.34 -18.12 10.27
C PRO B 191 -3.53 -18.96 9.03
N HIS B 192 -4.14 -18.38 7.99
CA HIS B 192 -4.36 -19.07 6.72
C HIS B 192 -3.07 -19.10 5.92
N TRP B 193 -2.13 -18.21 6.25
CA TRP B 193 -0.96 -18.00 5.39
C TRP B 193 -0.15 -19.30 5.10
N LEU B 194 0.19 -20.04 6.15
CA LEU B 194 1.19 -21.09 6.07
C LEU B 194 0.72 -22.18 5.10
N PHE B 195 -0.38 -22.83 5.43
CA PHE B 195 -0.94 -23.86 4.53
C PHE B 195 -1.67 -23.35 3.31
N GLY B 196 -2.27 -22.16 3.40
CA GLY B 196 -2.88 -21.56 2.27
C GLY B 196 -1.86 -21.29 1.16
N THR B 197 -0.71 -20.75 1.54
CA THR B 197 0.34 -20.43 0.54
C THR B 197 1.00 -21.75 0.04
N GLU B 199 -0.28 -24.75 -0.13
CA GLU B 199 -1.28 -25.39 -0.99
CA GLU B 199 -1.24 -25.44 -0.99
C GLU B 199 -1.30 -24.77 -2.37
N ARG B 200 -1.27 -23.43 -2.41
CA ARG B 200 -1.24 -22.68 -3.67
C ARG B 200 0.03 -22.99 -4.47
N TYR B 201 1.18 -22.96 -3.81
CA TYR B 201 2.47 -23.32 -4.43
C TYR B 201 2.46 -24.78 -4.99
N LEU B 202 2.02 -25.73 -4.18
CA LEU B 202 1.92 -27.13 -4.61
C LEU B 202 1.08 -27.26 -5.87
N LYS B 203 -0.08 -26.64 -5.89
CA LYS B 203 -0.95 -26.70 -7.05
C LYS B 203 -0.29 -26.10 -8.31
N GLN B 204 0.34 -24.94 -8.15
CA GLN B 204 1.06 -24.25 -9.24
C GLN B 204 2.26 -25.08 -9.75
N ILE B 205 2.97 -25.74 -8.85
CA ILE B 205 4.12 -26.61 -9.18
C ILE B 205 3.61 -27.79 -10.01
N GLN B 206 2.47 -28.36 -9.58
CA GLN B 206 1.83 -29.50 -10.27
C GLN B 206 1.36 -29.16 -11.69
N ASP B 207 1.13 -27.87 -11.96
CA ASP B 207 0.74 -27.45 -13.30
CA ASP B 207 0.74 -27.42 -13.30
C ASP B 207 1.92 -26.84 -14.10
N LEU B 208 3.15 -26.94 -13.59
CA LEU B 208 4.34 -26.43 -14.30
C LEU B 208 4.68 -27.33 -15.48
N PRO B 209 5.13 -26.75 -16.61
CA PRO B 209 5.59 -27.61 -17.70
C PRO B 209 6.90 -28.31 -17.38
N PRO B 210 7.14 -29.47 -18.01
CA PRO B 210 8.39 -30.22 -17.81
C PRO B 210 9.58 -29.68 -18.63
N ASN B 217 11.57 -35.52 -10.49
CA ASN B 217 10.35 -35.00 -9.91
C ASN B 217 10.45 -35.03 -8.37
N LEU B 218 10.62 -33.87 -7.77
CA LEU B 218 10.75 -33.83 -6.31
C LEU B 218 9.41 -34.14 -5.64
N LEU B 219 8.30 -33.80 -6.28
CA LEU B 219 6.97 -34.08 -5.72
C LEU B 219 6.79 -35.57 -5.54
N GLU B 220 7.24 -36.33 -6.55
CA GLU B 220 7.19 -37.79 -6.49
C GLU B 220 8.30 -38.34 -5.60
N TYR B 222 9.93 -37.18 -3.08
CA TYR B 222 9.80 -36.92 -1.64
C TYR B 222 8.33 -37.05 -1.15
N SER B 223 7.43 -37.46 -2.06
CA SER B 223 5.99 -37.68 -1.77
C SER B 223 5.40 -36.49 -1.05
N LEU B 224 5.50 -35.34 -1.72
CA LEU B 224 5.25 -34.06 -1.06
C LEU B 224 3.78 -33.83 -0.83
N LYS B 225 2.92 -34.23 -1.77
CA LYS B 225 1.46 -34.12 -1.54
C LYS B 225 1.00 -34.83 -0.25
N ASP B 226 1.44 -36.06 -0.03
CA ASP B 226 1.07 -36.76 1.22
C ASP B 226 1.78 -36.17 2.45
N GLU B 227 3.04 -35.75 2.28
CA GLU B 227 3.81 -35.23 3.40
C GLU B 227 3.23 -33.91 3.93
N GLY B 229 0.11 -33.19 4.24
CA GLY B 229 -0.91 -33.69 5.17
C GLY B 229 -0.33 -34.19 6.46
N ASN B 230 0.80 -34.89 6.41
CA ASN B 230 1.47 -35.32 7.62
C ASN B 230 1.92 -34.12 8.42
N LEU B 231 2.45 -33.12 7.72
CA LEU B 231 2.93 -31.93 8.40
C LEU B 231 1.77 -31.17 9.03
N ARG B 232 0.66 -31.06 8.32
CA ARG B 232 -0.51 -30.37 8.85
C ARG B 232 -0.94 -31.04 10.16
N LYS B 233 -1.05 -32.36 10.12
CA LYS B 233 -1.47 -33.13 11.28
CA LYS B 233 -1.46 -33.18 11.27
C LYS B 233 -0.57 -32.88 12.48
N LEU B 234 0.75 -32.87 12.26
CA LEU B 234 1.71 -32.60 13.33
C LEU B 234 1.56 -31.20 13.92
N LEU B 235 1.43 -30.19 13.07
CA LEU B 235 1.33 -28.81 13.53
C LEU B 235 -0.05 -28.49 14.12
N GLU B 236 -1.09 -29.13 13.61
CA GLU B 236 -2.43 -29.02 14.26
C GLU B 236 -2.40 -29.37 15.74
N SER B 237 -1.56 -30.31 16.11
CA SER B 237 -1.41 -30.73 17.50
C SER B 237 -0.35 -29.96 18.30
N THR B 238 0.25 -28.90 17.71
CA THR B 238 1.38 -28.21 18.33
C THR B 238 0.97 -26.74 18.46
N PRO B 239 0.41 -26.37 19.59
CA PRO B 239 -0.04 -24.99 19.70
C PRO B 239 1.07 -23.96 19.59
N SER B 240 0.74 -22.88 18.91
CA SER B 240 1.66 -21.78 18.75
C SER B 240 0.82 -20.51 18.58
N PRO B 241 1.09 -19.46 19.38
CA PRO B 241 0.35 -18.21 19.27
C PRO B 241 0.47 -17.63 17.85
N VAL B 242 -0.65 -17.13 17.36
CA VAL B 242 -0.74 -16.46 16.04
C VAL B 242 -0.41 -14.99 16.26
N VAL B 243 0.61 -14.51 15.56
CA VAL B 243 1.17 -13.15 15.74
C VAL B 243 1.54 -12.62 14.33
N PHE B 244 1.73 -11.32 14.25
CA PHE B 244 2.22 -10.70 13.00
C PHE B 244 3.72 -11.12 12.77
N CYS B 245 3.91 -11.98 11.77
CA CYS B 245 5.22 -12.55 11.44
C CYS B 245 5.82 -11.93 10.17
N HIS B 246 7.13 -11.89 10.12
CA HIS B 246 7.91 -11.46 8.93
C HIS B 246 8.01 -12.60 7.92
N ASN B 247 8.30 -13.81 8.47
CA ASN B 247 8.34 -15.11 7.77
C ASN B 247 9.63 -15.36 6.93
N ASP B 248 10.54 -14.42 6.96
CA ASP B 248 11.77 -14.52 6.16
C ASP B 248 12.95 -13.80 6.89
N ILE B 249 13.12 -14.07 8.17
CA ILE B 249 14.09 -13.36 9.01
C ILE B 249 15.45 -14.10 8.83
N GLN B 250 16.03 -13.79 7.70
CA GLN B 250 17.37 -14.31 7.36
CA GLN B 250 17.36 -14.31 7.32
C GLN B 250 18.34 -13.15 7.41
N GLU B 251 19.63 -13.49 7.49
CA GLU B 251 20.70 -12.51 7.59
C GLU B 251 20.65 -11.37 6.54
N GLY B 252 20.22 -11.68 5.32
CA GLY B 252 20.05 -10.69 4.26
C GLY B 252 19.00 -9.62 4.52
N ASN B 253 18.05 -9.91 5.42
CA ASN B 253 16.98 -9.02 5.77
C ASN B 253 17.23 -8.33 7.13
N ILE B 254 18.39 -8.54 7.69
CA ILE B 254 18.73 -7.88 9.01
C ILE B 254 19.93 -6.97 8.76
N LEU B 255 19.68 -5.66 8.78
CA LEU B 255 20.68 -4.68 8.41
C LEU B 255 21.35 -4.17 9.71
N LEU B 256 22.67 -4.27 9.73
CA LEU B 256 23.50 -3.66 10.77
C LEU B 256 23.74 -2.20 10.38
N LEU B 257 23.13 -1.27 11.12
CA LEU B 257 23.12 0.15 10.77
C LEU B 257 24.50 0.73 11.00
N SER B 258 25.01 1.50 10.05
CA SER B 258 26.38 1.99 10.16
C SER B 258 26.46 3.25 11.03
N GLU B 259 25.38 4.04 11.11
CA GLU B 259 25.41 5.21 11.99
C GLU B 259 24.12 5.29 12.77
N PRO B 260 23.93 4.34 13.70
CA PRO B 260 22.69 4.30 14.43
C PRO B 260 22.54 5.54 15.31
N GLU B 261 21.31 6.00 15.46
CA GLU B 261 21.01 7.18 16.29
C GLU B 261 20.71 6.80 17.75
N ASN B 262 20.47 5.51 18.01
CA ASN B 262 20.14 5.01 19.35
C ASN B 262 20.63 3.54 19.51
N ALA B 263 20.23 2.83 20.56
CA ALA B 263 20.76 1.49 20.82
C ALA B 263 20.21 0.43 19.87
N ASP B 264 19.20 0.77 19.08
CA ASP B 264 18.72 -0.18 18.09
C ASP B 264 19.63 -0.14 16.89
N SER B 265 20.60 -1.03 16.88
CA SER B 265 21.60 -1.05 15.81
C SER B 265 21.22 -1.98 14.62
N LEU B 266 20.06 -2.62 14.71
CA LEU B 266 19.55 -3.52 13.62
C LEU B 266 18.24 -2.99 13.04
N LEU B 268 15.11 -4.59 10.64
CA LEU B 268 14.54 -5.75 9.90
C LEU B 268 13.79 -5.18 8.70
N VAL B 269 14.10 -5.69 7.51
CA VAL B 269 13.59 -5.13 6.26
C VAL B 269 12.91 -6.25 5.42
N ASP B 270 12.20 -5.80 4.40
CA ASP B 270 11.63 -6.69 3.34
C ASP B 270 10.53 -7.64 3.89
N PHE B 271 9.40 -7.04 4.22
CA PHE B 271 8.25 -7.72 4.78
C PHE B 271 7.32 -8.30 3.69
N GLU B 272 7.89 -8.61 2.51
CA GLU B 272 7.07 -9.12 1.41
C GLU B 272 6.30 -10.42 1.69
N TYR B 273 6.86 -11.29 2.54
CA TYR B 273 6.28 -12.58 2.90
C TYR B 273 5.50 -12.52 4.21
N SER B 274 5.36 -11.32 4.77
CA SER B 274 4.78 -11.13 6.12
CA SER B 274 4.78 -11.17 6.12
C SER B 274 3.28 -11.44 6.10
N SER B 275 2.78 -11.86 7.26
CA SER B 275 1.39 -12.25 7.45
CA SER B 275 1.35 -12.09 7.50
C SER B 275 1.22 -12.62 8.92
N TYR B 276 0.00 -12.60 9.44
CA TYR B 276 -0.28 -13.35 10.67
C TYR B 276 0.00 -14.82 10.47
N ASN B 277 0.73 -15.37 11.42
CA ASN B 277 1.22 -16.71 11.34
C ASN B 277 1.59 -17.20 12.73
N TYR B 278 1.97 -18.46 12.82
CA TYR B 278 2.40 -19.07 14.09
C TYR B 278 3.77 -18.55 14.45
N ARG B 279 3.87 -18.05 15.66
CA ARG B 279 5.10 -17.62 16.22
C ARG B 279 6.27 -18.61 16.01
N GLY B 280 5.97 -19.89 16.18
CA GLY B 280 6.95 -20.99 16.00
C GLY B 280 7.57 -20.97 14.63
N PHE B 281 6.77 -20.63 13.61
CA PHE B 281 7.31 -20.49 12.26
C PHE B 281 8.38 -19.40 12.17
N ASP B 282 8.11 -18.21 12.68
CA ASP B 282 9.08 -17.10 12.56
C ASP B 282 10.40 -17.48 13.25
N ILE B 283 10.28 -18.06 14.45
CA ILE B 283 11.47 -18.49 15.20
C ILE B 283 12.18 -19.62 14.53
N GLY B 284 11.45 -20.72 14.27
CA GLY B 284 11.99 -21.89 13.55
C GLY B 284 12.65 -21.55 12.24
N ASN B 285 11.96 -20.73 11.44
CA ASN B 285 12.54 -20.31 10.16
C ASN B 285 13.89 -19.59 10.35
N HIS B 286 13.97 -18.71 11.34
CA HIS B 286 15.18 -18.00 11.60
C HIS B 286 16.32 -19.01 11.96
N PHE B 287 15.98 -19.98 12.77
CA PHE B 287 16.96 -20.98 13.16
C PHE B 287 17.45 -21.77 11.95
N CYS B 288 16.55 -22.09 11.01
CA CYS B 288 16.92 -22.78 9.78
C CYS B 288 17.93 -21.97 8.97
N GLU B 289 17.81 -20.65 9.04
CA GLU B 289 18.71 -19.76 8.32
C GLU B 289 20.15 -19.76 8.82
N TRP B 290 20.38 -20.33 10.02
CA TRP B 290 21.73 -20.49 10.56
C TRP B 290 22.53 -21.45 9.70
N VAL B 291 21.84 -22.30 8.94
CA VAL B 291 22.42 -23.37 8.08
C VAL B 291 22.83 -22.94 6.65
N TYR B 292 22.21 -21.89 6.11
CA TYR B 292 22.29 -21.59 4.70
C TYR B 292 22.98 -20.24 4.50
N ASP B 293 23.98 -20.22 3.64
CA ASP B 293 24.74 -19.03 3.32
C ASP B 293 24.59 -18.84 1.81
N TYR B 294 23.98 -17.72 1.42
CA TYR B 294 23.61 -17.45 0.05
C TYR B 294 24.68 -16.60 -0.63
N THR B 295 25.81 -16.41 0.04
CA THR B 295 26.89 -15.61 -0.53
C THR B 295 27.93 -16.47 -1.29
N HIS B 296 27.76 -17.79 -1.29
CA HIS B 296 28.63 -18.72 -2.06
C HIS B 296 28.74 -18.30 -3.54
N GLU B 297 29.97 -18.10 -4.03
CA GLU B 297 30.17 -17.41 -5.33
C GLU B 297 30.10 -18.28 -6.60
N GLU B 298 29.98 -19.59 -6.46
CA GLU B 298 29.76 -20.48 -7.60
C GLU B 298 28.46 -21.27 -7.45
N TRP B 299 27.96 -21.79 -8.58
CA TRP B 299 26.72 -22.56 -8.57
CA TRP B 299 26.73 -22.60 -8.57
C TRP B 299 26.86 -23.66 -7.50
N PRO B 300 25.76 -23.92 -6.74
CA PRO B 300 24.39 -23.34 -6.86
C PRO B 300 24.15 -21.99 -6.15
N PHE B 301 25.22 -21.32 -5.76
CA PHE B 301 25.20 -19.98 -5.09
C PHE B 301 24.59 -19.99 -3.67
N TYR B 302 24.68 -21.15 -3.00
CA TYR B 302 24.49 -21.23 -1.57
C TYR B 302 25.34 -22.39 -1.02
N LYS B 303 25.65 -22.34 0.26
CA LYS B 303 26.27 -23.45 0.93
C LYS B 303 25.41 -23.81 2.15
N ALA B 304 25.11 -25.09 2.31
CA ALA B 304 24.42 -25.61 3.51
C ALA B 304 25.40 -26.28 4.47
N ARG B 305 25.33 -25.88 5.73
CA ARG B 305 26.09 -26.52 6.83
C ARG B 305 25.10 -26.97 7.91
N PRO B 306 24.51 -28.16 7.76
CA PRO B 306 23.52 -28.62 8.75
C PRO B 306 23.96 -28.64 10.21
N THR B 307 25.26 -28.85 10.44
CA THR B 307 25.73 -28.85 11.83
C THR B 307 25.69 -27.48 12.49
N ASP B 308 25.48 -26.43 11.70
CA ASP B 308 25.38 -25.05 12.18
C ASP B 308 23.98 -24.70 12.73
N TYR B 309 22.99 -25.57 12.49
CA TYR B 309 21.68 -25.41 13.15
C TYR B 309 21.87 -25.20 14.64
N PRO B 310 21.13 -24.24 15.24
CA PRO B 310 21.45 -23.90 16.61
C PRO B 310 21.27 -25.06 17.61
N THR B 311 22.23 -25.17 18.53
CA THR B 311 22.15 -26.17 19.60
C THR B 311 21.03 -25.85 20.52
N GLN B 312 20.72 -26.76 21.46
CA GLN B 312 19.73 -26.45 22.46
C GLN B 312 20.13 -25.24 23.29
N GLU B 313 21.40 -25.12 23.65
CA GLU B 313 21.76 -23.95 24.43
C GLU B 313 21.67 -22.64 23.62
N GLN B 314 22.02 -22.68 22.34
CA GLN B 314 21.91 -21.51 21.44
C GLN B 314 20.45 -21.13 21.21
N GLN B 315 19.60 -22.14 21.07
CA GLN B 315 18.15 -21.93 20.98
C GLN B 315 17.57 -21.29 22.22
N LEU B 316 17.97 -21.79 23.38
CA LEU B 316 17.48 -21.29 24.64
CA LEU B 316 17.46 -21.28 24.65
C LEU B 316 17.92 -19.85 24.92
N HIS B 317 19.12 -19.49 24.49
CA HIS B 317 19.61 -18.13 24.61
C HIS B 317 18.69 -17.18 23.81
N PHE B 318 18.41 -17.57 22.57
CA PHE B 318 17.47 -16.81 21.72
C PHE B 318 16.12 -16.71 22.39
N ILE B 319 15.61 -17.85 22.85
CA ILE B 319 14.29 -17.95 23.45
C ILE B 319 14.13 -17.07 24.71
N ARG B 320 15.14 -17.04 25.57
CA ARG B 320 15.10 -16.22 26.75
C ARG B 320 14.95 -14.74 26.44
N HIS B 321 15.70 -14.23 25.48
CA HIS B 321 15.60 -12.85 25.09
C HIS B 321 14.30 -12.58 24.37
N TYR B 322 13.83 -13.55 23.58
CA TYR B 322 12.52 -13.40 22.93
C TYR B 322 11.42 -13.23 23.97
N LEU B 323 11.39 -14.16 24.94
CA LEU B 323 10.34 -14.15 25.95
C LEU B 323 10.42 -12.95 26.88
N ALA B 324 11.64 -12.49 27.17
CA ALA B 324 11.88 -11.31 28.00
C ALA B 324 11.15 -10.10 27.42
N GLU B 325 11.20 -10.00 26.09
CA GLU B 325 10.53 -8.90 25.39
C GLU B 325 9.06 -9.18 25.26
N ALA B 326 8.71 -10.38 24.83
CA ALA B 326 7.31 -10.75 24.60
C ALA B 326 6.48 -10.65 25.89
N LYS B 327 7.07 -11.08 27.01
CA LYS B 327 6.36 -11.14 28.28
C LYS B 327 6.81 -9.99 29.16
N LYS B 328 7.28 -8.91 28.55
CA LYS B 328 7.76 -7.72 29.27
C LYS B 328 6.73 -7.26 30.30
N GLY B 329 7.21 -6.95 31.51
CA GLY B 329 6.34 -6.58 32.64
C GLY B 329 5.79 -7.74 33.47
N GLU B 330 5.41 -8.84 32.80
CA GLU B 330 4.72 -9.96 33.45
C GLU B 330 5.64 -10.66 34.45
N THR B 331 5.16 -10.83 35.68
CA THR B 331 5.96 -11.38 36.74
C THR B 331 5.85 -12.90 36.71
N LEU B 332 6.99 -13.55 36.50
CA LEU B 332 7.01 -14.99 36.33
C LEU B 332 8.04 -15.59 37.27
N SER B 333 7.63 -16.65 37.97
CA SER B 333 8.50 -17.39 38.86
C SER B 333 9.55 -18.20 38.09
N GLN B 334 10.56 -18.68 38.80
CA GLN B 334 11.60 -19.51 38.19
C GLN B 334 10.99 -20.69 37.46
N GLU B 335 10.02 -21.36 38.09
CA GLU B 335 9.38 -22.55 37.48
C GLU B 335 8.51 -22.17 36.28
N GLU B 336 7.86 -21.01 36.35
CA GLU B 336 7.04 -20.50 35.24
C GLU B 336 7.90 -20.20 34.00
N GLN B 337 9.02 -19.49 34.21
CA GLN B 337 10.01 -19.19 33.14
C GLN B 337 10.53 -20.45 32.47
N ARG B 338 10.90 -21.44 33.26
CA ARG B 338 11.51 -22.64 32.74
C ARG B 338 10.52 -23.44 31.92
N LYS B 339 9.28 -23.48 32.37
CA LYS B 339 8.21 -24.13 31.59
C LYS B 339 7.96 -23.46 30.23
N LEU B 340 7.87 -22.13 30.22
CA LEU B 340 7.73 -21.33 28.98
C LEU B 340 8.87 -21.64 28.01
N GLU B 341 10.09 -21.63 28.54
CA GLU B 341 11.29 -21.90 27.72
C GLU B 341 11.28 -23.29 27.14
N GLU B 342 10.97 -24.28 27.99
CA GLU B 342 10.98 -25.69 27.59
C GLU B 342 9.93 -26.01 26.53
N ASP B 343 8.73 -25.46 26.75
CA ASP B 343 7.60 -25.61 25.83
C ASP B 343 7.91 -24.95 24.47
N LEU B 344 8.51 -23.78 24.51
CA LEU B 344 8.91 -23.08 23.26
C LEU B 344 9.95 -23.83 22.45
N LEU B 345 10.89 -24.52 23.08
CA LEU B 345 11.85 -25.34 22.35
C LEU B 345 11.13 -26.42 21.54
N VAL B 346 10.14 -27.07 22.16
CA VAL B 346 9.42 -28.12 21.48
C VAL B 346 8.58 -27.53 20.32
N GLU B 347 7.86 -26.46 20.59
CA GLU B 347 7.09 -25.75 19.59
C GLU B 347 7.93 -25.40 18.32
N VAL B 348 9.05 -24.75 18.57
CA VAL B 348 10.01 -24.37 17.49
C VAL B 348 10.55 -25.57 16.71
N SER B 349 10.90 -26.68 17.39
CA SER B 349 11.38 -27.90 16.71
C SER B 349 10.39 -28.42 15.69
N ARG B 350 9.09 -28.30 15.98
CA ARG B 350 8.09 -28.70 15.06
C ARG B 350 7.85 -27.69 13.95
N TYR B 351 7.77 -26.41 14.28
CA TYR B 351 7.47 -25.40 13.27
C TYR B 351 8.67 -25.15 12.37
N ALA B 352 9.89 -25.51 12.85
CA ALA B 352 11.06 -25.52 11.96
C ALA B 352 10.81 -26.39 10.74
N LEU B 353 10.14 -27.53 10.89
CA LEU B 353 9.82 -28.40 9.74
C LEU B 353 9.00 -27.68 8.66
N ALA B 354 8.09 -26.78 9.09
CA ALA B 354 7.29 -25.95 8.18
C ALA B 354 8.17 -24.99 7.35
N SER B 355 9.25 -24.46 7.93
CA SER B 355 10.19 -23.59 7.22
C SER B 355 10.79 -24.39 6.06
N HIS B 356 11.28 -25.60 6.34
CA HIS B 356 11.92 -26.39 5.27
C HIS B 356 10.91 -26.65 4.18
N PHE B 357 9.68 -26.97 4.57
CA PHE B 357 8.69 -27.45 3.59
C PHE B 357 8.21 -26.27 2.76
N PHE B 358 7.99 -25.12 3.43
CA PHE B 358 7.57 -23.91 2.73
C PHE B 358 8.59 -23.45 1.71
N TRP B 359 9.82 -23.29 2.15
CA TRP B 359 10.87 -22.74 1.27
C TRP B 359 11.28 -23.76 0.20
N GLY B 360 11.18 -25.05 0.51
CA GLY B 360 11.32 -26.10 -0.51
C GLY B 360 10.33 -25.97 -1.64
N LEU B 361 9.03 -25.86 -1.31
CA LEU B 361 7.99 -25.62 -2.28
C LEU B 361 8.18 -24.32 -3.05
N TRP B 362 8.46 -23.24 -2.31
CA TRP B 362 8.75 -21.95 -2.93
C TRP B 362 9.88 -22.07 -3.97
N SER B 363 10.90 -22.82 -3.61
CA SER B 363 12.12 -22.91 -4.45
C SER B 363 11.85 -23.71 -5.75
N ILE B 364 11.05 -24.79 -5.67
CA ILE B 364 10.57 -25.49 -6.90
C ILE B 364 9.83 -24.55 -7.81
N LEU B 365 8.87 -23.80 -7.26
CA LEU B 365 8.15 -22.80 -8.05
C LEU B 365 9.06 -21.75 -8.66
N GLN B 366 10.03 -21.28 -7.87
CA GLN B 366 10.96 -20.25 -8.34
C GLN B 366 11.87 -20.74 -9.48
N ALA B 367 12.15 -22.03 -9.51
CA ALA B 367 12.92 -22.63 -10.62
C ALA B 367 12.27 -22.29 -11.95
N SER B 368 10.94 -22.16 -11.97
CA SER B 368 10.18 -21.72 -13.13
C SER B 368 9.91 -20.23 -13.20
N SER B 370 11.34 -17.46 -11.39
CA SER B 370 12.37 -16.47 -11.15
C SER B 370 13.27 -16.29 -12.37
N THR B 371 13.84 -15.10 -12.49
CA THR B 371 14.91 -14.80 -13.46
C THR B 371 16.28 -14.61 -12.81
N ILE B 372 16.33 -14.77 -11.48
CA ILE B 372 17.54 -14.62 -10.71
C ILE B 372 18.36 -15.90 -10.84
N GLU B 373 19.67 -15.75 -11.08
CA GLU B 373 20.56 -16.90 -11.19
C GLU B 373 20.85 -17.46 -9.81
N PHE B 374 20.37 -18.68 -9.60
CA PHE B 374 20.50 -19.38 -8.34
C PHE B 374 20.09 -20.81 -8.57
N GLY B 375 20.66 -21.72 -7.79
CA GLY B 375 20.30 -23.13 -7.86
C GLY B 375 19.04 -23.48 -7.09
N TYR B 376 17.89 -23.02 -7.59
CA TYR B 376 16.57 -23.18 -6.91
C TYR B 376 16.20 -24.63 -6.69
N LEU B 377 16.36 -25.50 -7.70
CA LEU B 377 16.11 -26.95 -7.48
C LEU B 377 17.04 -27.65 -6.51
N ASP B 378 18.32 -27.30 -6.55
CA ASP B 378 19.31 -27.84 -5.65
C ASP B 378 19.00 -27.40 -4.22
N TYR B 379 18.64 -26.14 -4.11
CA TYR B 379 18.17 -25.62 -2.84
C TYR B 379 16.89 -26.31 -2.32
N ALA B 380 15.90 -26.52 -3.17
CA ALA B 380 14.67 -27.28 -2.82
C ALA B 380 15.04 -28.66 -2.25
N GLN B 381 15.97 -29.34 -2.92
CA GLN B 381 16.39 -30.67 -2.46
C GLN B 381 16.99 -30.63 -1.09
N SER B 382 17.83 -29.63 -0.86
CA SER B 382 18.50 -29.39 0.44
C SER B 382 17.45 -29.21 1.55
N ARG B 383 16.47 -28.34 1.24
CA ARG B 383 15.38 -28.08 2.21
C ARG B 383 14.56 -29.34 2.53
N PHE B 384 14.18 -30.13 1.51
CA PHE B 384 13.38 -31.29 1.78
C PHE B 384 14.17 -32.38 2.49
N GLN B 385 15.44 -32.53 2.14
CA GLN B 385 16.35 -33.44 2.89
C GLN B 385 16.47 -33.06 4.35
N PHE B 386 16.59 -31.76 4.63
CA PHE B 386 16.71 -31.28 6.01
C PHE B 386 15.37 -31.47 6.72
N TYR B 387 14.24 -31.24 6.04
CA TYR B 387 12.89 -31.51 6.57
C TYR B 387 12.82 -32.93 7.11
N PHE B 388 13.18 -33.89 6.27
CA PHE B 388 13.17 -35.29 6.71
C PHE B 388 14.19 -35.60 7.78
N GLN B 389 15.39 -35.02 7.68
CA GLN B 389 16.39 -35.20 8.71
C GLN B 389 15.79 -34.79 10.07
N GLN B 390 15.27 -33.58 10.11
CA GLN B 390 14.73 -33.08 11.36
C GLN B 390 13.49 -33.82 11.85
N LYS B 391 12.64 -34.28 10.93
CA LYS B 391 11.52 -35.08 11.28
C LYS B 391 12.06 -36.41 11.88
N GLY B 392 13.12 -36.94 11.28
CA GLY B 392 13.76 -38.20 11.76
C GLY B 392 14.29 -38.03 13.15
N GLN B 393 14.85 -36.85 13.41
CA GLN B 393 15.34 -36.52 14.76
C GLN B 393 14.25 -36.29 15.81
N LEU B 394 13.06 -35.88 15.39
CA LEU B 394 11.95 -35.67 16.32
C LEU B 394 11.37 -36.99 16.79
N THR B 395 11.25 -37.97 15.87
CA THR B 395 10.69 -39.29 16.21
C THR B 395 11.44 -39.91 17.41
N SER B 396 12.76 -39.76 17.43
CA SER B 396 13.55 -39.96 18.64
C SER B 396 13.02 -39.01 19.73
#